data_6DY2
#
_entry.id   6DY2
#
_cell.length_a   71.885
_cell.length_b   98.863
_cell.length_c   117.761
_cell.angle_alpha   90.00
_cell.angle_beta   90.00
_cell.angle_gamma   90.00
#
_symmetry.space_group_name_H-M   'P 21 21 2'
#
loop_
_entity.id
_entity.type
_entity.pdbx_description
1 polymer 'N-acylethanolamine acid amidase alpha-subunit'
2 polymer 'N-acylethanolamine acid amidase beta-subunit'
3 non-polymer 2-acetamido-2-deoxy-beta-D-glucopyranose
4 non-polymer 'CHLORIDE ION'
5 non-polymer 'PHOSPHATE ION'
6 non-polymer '(2S)-3-amino-2-{[(4-cyclohexylbutoxy)carbonyl]amino}propanethioic S-acid'
7 water water
#
loop_
_entity_poly.entity_id
_entity_poly.type
_entity_poly.pdbx_seq_one_letter_code
_entity_poly.pdbx_strand_id
1 'polypeptide(L)'
;DRHHHHHHGSPAPPRVNVSLDAAPAARWLPVLRLFDPGLLRAAVARIVGDRVPKWVRDVIGKLVAEMESFLPQPYTEEIR
GISDFLNLSLADGFIVNLAYEASAF
;
A,C
2 'polypeptide(L)'
;CTSVVAQDSRGHIYHGRNLDYPFGDLLRKMTVDVQFLKNGQIAFTGTTFIGYVGLWTGQSPYKFTVSGDERADKGWWWEN
MIAALFQGHSPVSWLIRTTLSESEDFEASVYKLAKTPLIADVYYIVGGTAPGEGVVVTRNRGGPADIWPLDPLNGAWFRV
ETNYDHWKPVPKSDDRRTPAIKALNATGQANLSLEALFQVLSVVPVCNKITVYTTVMSAATPDKYMTRIRNLS
;
B,D
#
loop_
_chem_comp.id
_chem_comp.type
_chem_comp.name
_chem_comp.formula
CL non-polymer 'CHLORIDE ION' 'Cl -1'
HJA non-polymer '(2S)-3-amino-2-{[(4-cyclohexylbutoxy)carbonyl]amino}propanethioic S-acid' 'C14 H26 N2 O3 S'
NAG D-saccharide, beta linking 2-acetamido-2-deoxy-beta-D-glucopyranose 'C8 H15 N O6'
PO4 non-polymer 'PHOSPHATE ION' 'O4 P -3'
#
# COMPACT_ATOMS: atom_id res chain seq x y z
N SER A 10 -41.09 17.53 9.52
CA SER A 10 -39.85 16.77 9.67
C SER A 10 -40.16 15.34 10.12
N PRO A 11 -40.05 14.38 9.20
CA PRO A 11 -40.34 12.99 9.55
C PRO A 11 -39.15 12.31 10.21
N ALA A 12 -39.44 11.23 10.89
CA ALA A 12 -38.39 10.47 11.54
C ALA A 12 -37.84 9.42 10.58
N PRO A 13 -36.56 9.08 10.68
CA PRO A 13 -35.99 8.08 9.78
C PRO A 13 -36.53 6.69 10.13
N PRO A 14 -36.41 5.73 9.22
CA PRO A 14 -36.74 4.35 9.60
C PRO A 14 -35.85 3.90 10.74
N ARG A 15 -36.43 3.06 11.61
CA ARG A 15 -35.69 2.45 12.71
C ARG A 15 -35.56 0.96 12.42
N VAL A 16 -34.33 0.48 12.31
CA VAL A 16 -34.06 -0.90 11.92
C VAL A 16 -33.02 -1.49 12.85
N ASN A 17 -33.12 -2.80 13.05
CA ASN A 17 -32.20 -3.53 13.90
C ASN A 17 -31.05 -4.08 13.07
N VAL A 18 -29.85 -4.07 13.62
CA VAL A 18 -28.68 -4.69 13.01
C VAL A 18 -28.05 -5.62 14.05
N SER A 19 -28.00 -6.91 13.73
CA SER A 19 -27.53 -7.92 14.67
C SER A 19 -26.01 -8.07 14.56
N LEU A 20 -25.31 -7.78 15.65
CA LEU A 20 -23.88 -8.04 15.74
C LEU A 20 -23.57 -9.51 16.03
N ASP A 21 -24.60 -10.34 16.18
CA ASP A 21 -24.41 -11.78 16.28
C ASP A 21 -24.32 -12.44 14.91
N ALA A 22 -24.72 -11.75 13.86
CA ALA A 22 -24.65 -12.26 12.51
C ALA A 22 -23.30 -11.92 11.89
N ALA A 23 -22.98 -12.61 10.81
CA ALA A 23 -21.69 -12.42 10.16
C ALA A 23 -21.54 -10.95 9.75
N PRO A 24 -20.34 -10.38 9.82
CA PRO A 24 -20.20 -8.97 9.42
C PRO A 24 -20.65 -8.70 8.00
N ALA A 25 -20.33 -9.58 7.05
CA ALA A 25 -20.71 -9.34 5.67
C ALA A 25 -22.21 -9.39 5.46
N ALA A 26 -22.95 -10.07 6.33
CA ALA A 26 -24.37 -10.31 6.13
C ALA A 26 -25.29 -9.56 7.09
N ARG A 27 -24.75 -8.80 8.04
CA ARG A 27 -25.59 -8.19 9.05
C ARG A 27 -26.26 -6.90 8.58
N TRP A 28 -25.79 -6.28 7.50
CA TRP A 28 -26.37 -5.06 6.99
C TRP A 28 -27.44 -5.27 5.92
N LEU A 29 -27.67 -6.52 5.49
CA LEU A 29 -28.61 -6.75 4.40
C LEU A 29 -30.03 -6.29 4.73
N PRO A 30 -30.60 -6.61 5.89
CA PRO A 30 -31.95 -6.10 6.19
C PRO A 30 -32.06 -4.59 6.06
N VAL A 31 -30.97 -3.85 6.30
CA VAL A 31 -30.99 -2.41 6.16
C VAL A 31 -30.85 -2.01 4.69
N LEU A 32 -30.03 -2.75 3.93
CA LEU A 32 -29.78 -2.39 2.54
C LEU A 32 -31.05 -2.51 1.69
N ARG A 33 -31.95 -3.41 2.06
CA ARG A 33 -33.19 -3.59 1.30
C ARG A 33 -34.21 -2.48 1.54
N LEU A 34 -33.95 -1.58 2.48
CA LEU A 34 -34.88 -0.48 2.75
C LEU A 34 -34.93 0.49 1.57
N PHE A 35 -33.83 1.20 1.34
CA PHE A 35 -33.74 2.07 0.18
C PHE A 35 -33.62 1.22 -1.08
N ASP A 36 -33.83 1.86 -2.23
CA ASP A 36 -33.77 1.13 -3.50
C ASP A 36 -32.32 0.75 -3.75
N PRO A 37 -31.93 -0.52 -3.57
CA PRO A 37 -30.51 -0.87 -3.74
C PRO A 37 -29.99 -0.57 -5.13
N GLY A 38 -30.79 -0.84 -6.17
CA GLY A 38 -30.35 -0.55 -7.52
C GLY A 38 -30.04 0.92 -7.71
N LEU A 39 -30.89 1.79 -7.16
CA LEU A 39 -30.63 3.23 -7.23
C LEU A 39 -29.43 3.62 -6.39
N LEU A 40 -29.18 2.90 -5.29
CA LEU A 40 -28.03 3.21 -4.45
C LEU A 40 -26.72 2.80 -5.13
N ARG A 41 -26.72 1.66 -5.82
CA ARG A 41 -25.54 1.25 -6.56
C ARG A 41 -25.19 2.26 -7.64
N ALA A 42 -26.21 2.69 -8.41
CA ALA A 42 -25.97 3.65 -9.49
C ALA A 42 -25.50 4.98 -8.92
N ALA A 43 -26.08 5.42 -7.80
CA ALA A 43 -25.68 6.69 -7.21
C ALA A 43 -24.26 6.63 -6.68
N VAL A 44 -23.88 5.52 -6.05
CA VAL A 44 -22.52 5.38 -5.53
C VAL A 44 -21.53 5.23 -6.69
N ALA A 45 -21.84 4.36 -7.65
CA ALA A 45 -20.91 4.11 -8.74
C ALA A 45 -20.66 5.36 -9.56
N ARG A 46 -21.69 6.20 -9.74
CA ARG A 46 -21.52 7.40 -10.54
C ARG A 46 -20.69 8.44 -9.80
N ILE A 47 -21.04 8.72 -8.54
CA ILE A 47 -20.40 9.81 -7.82
C ILE A 47 -18.95 9.48 -7.50
N VAL A 48 -18.66 8.21 -7.21
CA VAL A 48 -17.27 7.81 -6.98
C VAL A 48 -16.53 7.75 -8.31
N GLY A 49 -17.22 7.36 -9.39
CA GLY A 49 -16.56 7.25 -10.68
C GLY A 49 -16.12 8.61 -11.21
N ASP A 50 -16.92 9.65 -10.99
CA ASP A 50 -16.62 10.95 -11.54
C ASP A 50 -15.51 11.67 -10.77
N ARG A 51 -15.40 11.43 -9.47
CA ARG A 51 -14.44 12.15 -8.64
C ARG A 51 -13.13 11.42 -8.46
N VAL A 52 -13.10 10.10 -8.63
CA VAL A 52 -11.90 9.30 -8.46
C VAL A 52 -11.56 8.67 -9.81
N PRO A 53 -10.35 8.88 -10.35
CA PRO A 53 -9.99 8.22 -11.60
C PRO A 53 -9.97 6.70 -11.46
N LYS A 54 -10.05 6.02 -12.60
CA LYS A 54 -10.22 4.58 -12.59
C LYS A 54 -8.96 3.85 -12.10
N TRP A 55 -7.79 4.34 -12.48
CA TRP A 55 -6.56 3.64 -12.11
C TRP A 55 -6.34 3.66 -10.61
N VAL A 56 -6.73 4.75 -9.93
CA VAL A 56 -6.63 4.78 -8.47
C VAL A 56 -7.60 3.78 -7.85
N ARG A 57 -8.83 3.72 -8.36
CA ARG A 57 -9.81 2.81 -7.79
C ARG A 57 -9.36 1.36 -7.92
N ASP A 58 -8.74 1.00 -9.04
CA ASP A 58 -8.28 -0.36 -9.23
C ASP A 58 -7.19 -0.72 -8.21
N VAL A 59 -6.31 0.23 -7.90
CA VAL A 59 -5.26 -0.02 -6.92
C VAL A 59 -5.87 -0.15 -5.53
N ILE A 60 -6.79 0.77 -5.18
CA ILE A 60 -7.45 0.72 -3.88
C ILE A 60 -8.12 -0.64 -3.68
N GLY A 61 -8.72 -1.19 -4.73
CA GLY A 61 -9.36 -2.49 -4.61
C GLY A 61 -8.37 -3.59 -4.24
N LYS A 62 -7.24 -3.64 -4.94
CA LYS A 62 -6.26 -4.69 -4.68
C LYS A 62 -5.74 -4.63 -3.24
N LEU A 63 -5.39 -3.43 -2.79
CA LEU A 63 -4.87 -3.28 -1.42
C LEU A 63 -5.88 -3.76 -0.39
N VAL A 64 -7.12 -3.29 -0.49
CA VAL A 64 -8.12 -3.64 0.51
C VAL A 64 -8.38 -5.15 0.49
N ALA A 65 -8.50 -5.74 -0.70
CA ALA A 65 -8.81 -7.16 -0.78
C ALA A 65 -7.64 -8.00 -0.28
N GLU A 66 -6.41 -7.61 -0.63
CA GLU A 66 -5.24 -8.38 -0.22
C GLU A 66 -4.98 -8.23 1.27
N MET A 67 -5.19 -7.03 1.82
CA MET A 67 -4.91 -6.74 3.21
C MET A 67 -6.20 -6.62 4.01
N GLU A 68 -7.19 -7.44 3.66
CA GLU A 68 -8.46 -7.43 4.40
C GLU A 68 -8.25 -7.88 5.83
N SER A 69 -7.33 -8.84 6.04
CA SER A 69 -7.07 -9.35 7.38
C SER A 69 -6.39 -8.34 8.28
N PHE A 70 -5.73 -7.33 7.71
CA PHE A 70 -4.92 -6.40 8.48
C PHE A 70 -5.54 -5.03 8.62
N LEU A 71 -6.70 -4.80 8.01
CA LEU A 71 -7.42 -3.54 8.17
C LEU A 71 -8.41 -3.65 9.31
N PRO A 72 -8.89 -2.52 9.84
CA PRO A 72 -9.75 -2.57 11.03
C PRO A 72 -10.97 -3.45 10.82
N GLN A 73 -11.37 -4.13 11.89
CA GLN A 73 -12.57 -4.97 11.88
C GLN A 73 -13.56 -4.49 12.92
N PRO A 74 -14.85 -4.82 12.74
CA PRO A 74 -15.43 -5.59 11.64
C PRO A 74 -15.80 -4.73 10.43
N TYR A 75 -15.34 -3.49 10.44
CA TYR A 75 -15.80 -2.53 9.43
C TYR A 75 -15.45 -2.98 8.02
N THR A 76 -14.22 -3.45 7.82
CA THR A 76 -13.78 -3.83 6.49
C THR A 76 -14.59 -5.02 5.96
N GLU A 77 -14.76 -6.05 6.79
CA GLU A 77 -15.59 -7.19 6.38
C GLU A 77 -17.03 -6.77 6.16
N GLU A 78 -17.50 -5.74 6.86
CA GLU A 78 -18.85 -5.24 6.62
C GLU A 78 -18.93 -4.48 5.31
N ILE A 79 -17.90 -3.70 4.99
CA ILE A 79 -17.87 -3.01 3.69
C ILE A 79 -17.77 -4.03 2.57
N ARG A 80 -17.16 -5.18 2.83
CA ARG A 80 -17.08 -6.22 1.82
C ARG A 80 -18.47 -6.79 1.53
N GLY A 81 -19.30 -6.96 2.56
CA GLY A 81 -20.63 -7.49 2.38
C GLY A 81 -21.61 -6.50 1.78
N ILE A 82 -21.46 -5.21 2.08
CA ILE A 82 -22.29 -4.19 1.46
C ILE A 82 -21.99 -4.11 -0.04
N SER A 83 -20.71 -4.05 -0.39
CA SER A 83 -20.34 -3.92 -1.79
C SER A 83 -20.71 -5.17 -2.59
N ASP A 84 -20.69 -6.34 -1.95
CA ASP A 84 -21.07 -7.55 -2.67
C ASP A 84 -22.57 -7.60 -2.91
N PHE A 85 -23.36 -7.12 -1.95
CA PHE A 85 -24.81 -7.10 -2.12
C PHE A 85 -25.23 -6.08 -3.17
N LEU A 86 -24.58 -4.91 -3.18
CA LEU A 86 -24.91 -3.86 -4.13
C LEU A 86 -24.19 -3.99 -5.46
N ASN A 87 -23.33 -5.01 -5.62
CA ASN A 87 -22.56 -5.19 -6.84
C ASN A 87 -21.70 -3.97 -7.12
N LEU A 88 -21.03 -3.50 -6.08
CA LEU A 88 -20.07 -2.41 -6.17
C LEU A 88 -18.65 -2.98 -6.08
N SER A 89 -17.70 -2.26 -6.65
CA SER A 89 -16.31 -2.62 -6.46
C SER A 89 -15.90 -2.35 -5.03
N LEU A 90 -15.12 -3.27 -4.45
CA LEU A 90 -14.66 -3.09 -3.08
C LEU A 90 -14.01 -1.73 -2.90
N ALA A 91 -13.43 -1.17 -3.97
CA ALA A 91 -12.89 0.18 -3.89
C ALA A 91 -13.99 1.21 -3.76
N ASP A 92 -15.09 1.03 -4.51
CA ASP A 92 -16.21 1.96 -4.40
C ASP A 92 -16.78 1.97 -2.99
N GLY A 93 -17.04 0.79 -2.42
CA GLY A 93 -17.58 0.72 -1.07
C GLY A 93 -16.62 1.25 -0.04
N PHE A 94 -15.31 1.11 -0.28
CA PHE A 94 -14.32 1.60 0.67
C PHE A 94 -14.15 3.11 0.60
N ILE A 95 -14.30 3.70 -0.59
CA ILE A 95 -14.08 5.13 -0.74
C ILE A 95 -15.24 5.91 -0.12
N VAL A 96 -16.47 5.43 -0.29
CA VAL A 96 -17.61 6.14 0.29
C VAL A 96 -17.57 6.07 1.81
N ASN A 97 -17.18 4.92 2.38
CA ASN A 97 -17.07 4.80 3.82
C ASN A 97 -15.94 5.63 4.39
N LEU A 98 -14.99 6.08 3.56
CA LEU A 98 -13.92 6.95 3.98
C LEU A 98 -14.02 8.31 3.29
N ALA A 99 -15.26 8.74 3.00
CA ALA A 99 -15.46 9.99 2.29
C ALA A 99 -15.08 11.19 3.14
N TYR A 100 -15.20 11.09 4.46
CA TYR A 100 -14.83 12.21 5.32
C TYR A 100 -13.33 12.45 5.29
N GLU A 101 -12.53 11.39 5.46
CA GLU A 101 -11.08 11.55 5.46
C GLU A 101 -10.58 11.99 4.10
N ALA A 102 -11.20 11.49 3.02
CA ALA A 102 -10.77 11.85 1.67
C ALA A 102 -10.86 13.34 1.42
N SER A 103 -11.77 14.03 2.08
CA SER A 103 -11.90 15.48 1.94
C SER A 103 -10.63 16.17 2.41
N CYS B 1 -21.76 21.47 10.83
CA CYS B 1 -22.37 20.68 11.90
C CYS B 1 -22.46 21.49 13.17
N THR B 2 -23.45 21.15 14.00
CA THR B 2 -23.61 21.79 15.29
C THR B 2 -23.95 20.71 16.31
N SER B 3 -23.15 20.62 17.37
CA SER B 3 -23.41 19.72 18.47
C SER B 3 -23.54 20.54 19.75
N VAL B 4 -24.43 20.12 20.63
CA VAL B 4 -24.69 20.80 21.88
C VAL B 4 -24.83 19.76 22.97
N VAL B 5 -24.07 19.94 24.05
CA VAL B 5 -24.25 19.17 25.28
C VAL B 5 -24.53 20.17 26.40
N ALA B 6 -25.59 19.92 27.16
CA ALA B 6 -26.08 20.91 28.10
C ALA B 6 -26.63 20.22 29.32
N GLN B 7 -26.85 21.00 30.39
CA GLN B 7 -27.31 20.52 31.67
C GLN B 7 -28.42 21.42 32.17
N ASP B 8 -29.54 20.83 32.60
CA ASP B 8 -30.64 21.61 33.13
C ASP B 8 -30.43 21.89 34.61
N SER B 9 -31.39 22.58 35.23
CA SER B 9 -31.28 22.97 36.63
C SER B 9 -31.35 21.78 37.58
N ARG B 10 -31.74 20.60 37.11
CA ARG B 10 -31.84 19.43 37.98
C ARG B 10 -30.60 18.55 37.93
N GLY B 11 -29.71 18.76 36.97
CA GLY B 11 -28.56 17.88 36.77
C GLY B 11 -28.71 16.87 35.68
N HIS B 12 -29.74 16.99 34.83
CA HIS B 12 -29.92 16.07 33.71
C HIS B 12 -29.15 16.57 32.50
N ILE B 13 -28.51 15.64 31.80
CA ILE B 13 -27.68 15.96 30.65
C ILE B 13 -28.50 15.78 29.38
N TYR B 14 -28.39 16.74 28.47
CA TYR B 14 -29.02 16.69 27.16
C TYR B 14 -27.96 16.80 26.09
N HIS B 15 -28.18 16.10 24.98
CA HIS B 15 -27.22 16.07 23.88
C HIS B 15 -27.99 16.18 22.58
N GLY B 16 -27.57 17.10 21.72
CA GLY B 16 -28.19 17.26 20.43
C GLY B 16 -27.15 17.60 19.38
N ARG B 17 -27.52 17.37 18.13
CA ARG B 17 -26.58 17.63 17.04
C ARG B 17 -27.34 17.81 15.73
N ASN B 18 -26.78 18.64 14.87
CA ASN B 18 -27.21 18.76 13.49
C ASN B 18 -26.12 18.21 12.58
N LEU B 19 -26.54 17.45 11.57
CA LEU B 19 -25.63 16.92 10.56
C LEU B 19 -25.89 17.67 9.25
N ASP B 20 -24.96 18.53 8.86
CA ASP B 20 -25.03 19.24 7.60
C ASP B 20 -24.02 18.62 6.65
N TYR B 21 -24.47 18.26 5.44
CA TYR B 21 -23.53 17.71 4.48
C TYR B 21 -24.09 17.90 3.08
N PRO B 22 -23.27 18.30 2.10
CA PRO B 22 -23.78 18.39 0.73
C PRO B 22 -24.20 17.03 0.21
N PHE B 23 -24.76 16.98 -1.00
CA PHE B 23 -25.43 15.79 -1.51
C PHE B 23 -26.61 15.38 -0.63
N GLY B 24 -27.07 16.28 0.23
CA GLY B 24 -28.10 15.91 1.19
C GLY B 24 -29.40 15.47 0.54
N ASP B 25 -29.63 15.87 -0.71
CA ASP B 25 -30.83 15.42 -1.41
C ASP B 25 -30.94 13.90 -1.35
N LEU B 26 -29.81 13.22 -1.49
CA LEU B 26 -29.71 11.77 -1.48
C LEU B 26 -29.63 11.21 -0.07
N LEU B 27 -28.83 11.83 0.80
CA LEU B 27 -28.59 11.30 2.13
C LEU B 27 -29.87 11.27 2.96
N ARG B 28 -30.69 12.32 2.86
CA ARG B 28 -31.92 12.37 3.63
C ARG B 28 -32.78 11.12 3.41
N LYS B 29 -32.79 10.61 2.18
CA LYS B 29 -33.53 9.39 1.89
C LYS B 29 -32.86 8.16 2.49
N MET B 30 -31.57 8.25 2.83
CA MET B 30 -30.80 7.10 3.29
C MET B 30 -30.57 7.11 4.80
N THR B 31 -31.06 8.13 5.50
CA THR B 31 -30.87 8.21 6.95
C THR B 31 -31.71 7.17 7.66
N VAL B 32 -31.08 6.40 8.55
CA VAL B 32 -31.76 5.38 9.33
C VAL B 32 -31.28 5.46 10.78
N ASP B 33 -32.18 5.13 11.71
CA ASP B 33 -31.84 4.96 13.11
C ASP B 33 -31.60 3.47 13.35
N VAL B 34 -30.36 3.11 13.61
CA VAL B 34 -29.95 1.72 13.73
C VAL B 34 -29.80 1.35 15.19
N GLN B 35 -30.42 0.24 15.58
CA GLN B 35 -30.22 -0.35 16.90
C GLN B 35 -29.35 -1.59 16.72
N PHE B 36 -28.12 -1.52 17.24
CA PHE B 36 -27.17 -2.62 17.12
C PHE B 36 -27.41 -3.61 18.25
N LEU B 37 -27.75 -4.85 17.89
CA LEU B 37 -28.12 -5.87 18.86
C LEU B 37 -26.93 -6.78 19.14
N LYS B 38 -26.79 -7.18 20.40
CA LYS B 38 -25.69 -8.04 20.82
C LYS B 38 -26.16 -8.90 21.99
N ASN B 39 -26.04 -10.22 21.85
CA ASN B 39 -26.38 -11.13 22.94
C ASN B 39 -27.82 -10.94 23.41
N GLY B 40 -28.73 -10.69 22.47
CA GLY B 40 -30.13 -10.54 22.80
C GLY B 40 -30.44 -9.26 23.55
N GLN B 41 -29.79 -8.16 23.22
CA GLN B 41 -30.06 -6.89 23.87
C GLN B 41 -29.56 -5.77 22.96
N ILE B 42 -30.04 -4.56 23.23
CA ILE B 42 -29.65 -3.37 22.47
C ILE B 42 -28.33 -2.88 23.04
N ALA B 43 -27.24 -3.15 22.32
CA ALA B 43 -25.93 -2.71 22.78
C ALA B 43 -25.79 -1.20 22.69
N PHE B 44 -26.24 -0.62 21.57
CA PHE B 44 -26.19 0.82 21.39
C PHE B 44 -27.03 1.18 20.17
N THR B 45 -27.30 2.47 20.04
CA THR B 45 -28.12 3.01 18.96
C THR B 45 -27.33 4.09 18.24
N GLY B 46 -27.52 4.17 16.92
CA GLY B 46 -26.80 5.15 16.13
C GLY B 46 -27.62 5.58 14.93
N THR B 47 -27.27 6.75 14.42
CA THR B 47 -27.90 7.34 13.24
C THR B 47 -26.87 7.40 12.12
N THR B 48 -27.15 6.73 11.01
CA THR B 48 -26.18 6.64 9.93
C THR B 48 -26.91 6.64 8.60
N PHE B 49 -26.17 6.37 7.53
CA PHE B 49 -26.70 6.29 6.18
C PHE B 49 -26.48 4.88 5.65
N ILE B 50 -27.37 4.46 4.76
CA ILE B 50 -27.30 3.10 4.20
C ILE B 50 -26.01 2.95 3.43
N GLY B 51 -25.22 1.94 3.79
CA GLY B 51 -23.92 1.71 3.18
C GLY B 51 -22.75 2.25 3.97
N TYR B 52 -23.01 3.03 5.02
CA TYR B 52 -21.97 3.62 5.85
C TYR B 52 -21.93 2.87 7.17
N VAL B 53 -20.75 2.35 7.52
CA VAL B 53 -20.64 1.49 8.70
C VAL B 53 -20.28 2.25 9.97
N GLY B 54 -19.68 3.44 9.84
CA GLY B 54 -19.37 4.24 11.01
C GLY B 54 -20.58 4.99 11.54
N LEU B 55 -20.40 5.62 12.68
CA LEU B 55 -21.45 6.40 13.31
C LEU B 55 -20.92 7.80 13.64
N TRP B 56 -21.65 8.82 13.22
CA TRP B 56 -21.38 10.19 13.62
C TRP B 56 -22.29 10.64 14.75
N THR B 57 -23.29 9.81 15.10
CA THR B 57 -24.20 10.07 16.21
C THR B 57 -24.59 8.73 16.80
N GLY B 58 -24.49 8.61 18.11
CA GLY B 58 -24.76 7.33 18.74
C GLY B 58 -25.03 7.47 20.22
N GLN B 59 -25.52 6.39 20.80
CA GLN B 59 -25.96 6.36 22.18
C GLN B 59 -25.63 5.01 22.80
N SER B 60 -25.01 5.04 23.97
CA SER B 60 -24.85 3.84 24.79
C SER B 60 -25.79 3.96 25.98
N PRO B 61 -26.87 3.16 26.06
CA PRO B 61 -27.92 3.44 27.05
C PRO B 61 -27.37 3.46 28.47
N TYR B 62 -27.72 4.52 29.21
CA TYR B 62 -27.31 4.70 30.60
C TYR B 62 -25.79 4.69 30.75
N LYS B 63 -25.08 5.19 29.74
CA LYS B 63 -23.63 5.29 29.82
C LYS B 63 -23.16 6.60 29.21
N PHE B 64 -23.36 6.80 27.91
CA PHE B 64 -22.92 8.04 27.29
C PHE B 64 -23.54 8.18 25.91
N THR B 65 -23.54 9.42 25.42
CA THR B 65 -23.93 9.77 24.06
C THR B 65 -22.77 10.48 23.39
N VAL B 66 -22.61 10.26 22.09
CA VAL B 66 -21.48 10.82 21.35
C VAL B 66 -21.97 11.34 20.01
N SER B 67 -21.39 12.47 19.58
CA SER B 67 -21.59 13.01 18.25
C SER B 67 -20.28 13.62 17.77
N GLY B 68 -20.04 13.54 16.46
CA GLY B 68 -18.80 14.04 15.89
C GLY B 68 -19.00 15.15 14.88
N ASP B 69 -18.20 16.20 14.99
CA ASP B 69 -18.20 17.31 14.05
C ASP B 69 -16.88 17.34 13.29
N GLU B 70 -16.89 18.02 12.14
CA GLU B 70 -15.73 18.05 11.27
C GLU B 70 -14.77 19.14 11.72
N ARG B 71 -13.48 18.84 11.63
CA ARG B 71 -12.44 19.82 11.88
C ARG B 71 -11.47 19.82 10.70
N ALA B 72 -11.10 21.01 10.25
CA ALA B 72 -10.20 21.12 9.11
C ALA B 72 -8.78 20.75 9.52
N ASP B 73 -8.13 19.92 8.70
CA ASP B 73 -6.80 19.41 8.99
C ASP B 73 -5.82 19.86 7.90
N LYS B 74 -4.57 19.44 8.06
CA LYS B 74 -3.56 19.61 7.02
C LYS B 74 -3.89 18.69 5.84
N GLY B 75 -3.44 19.09 4.65
CA GLY B 75 -3.58 18.29 3.46
C GLY B 75 -3.09 16.86 3.64
N TRP B 76 -3.94 15.89 3.32
CA TRP B 76 -3.61 14.48 3.52
C TRP B 76 -3.67 13.78 2.18
N TRP B 77 -2.60 13.03 1.87
CA TRP B 77 -2.50 12.31 0.61
C TRP B 77 -3.18 10.96 0.76
N TRP B 78 -3.78 10.46 -0.33
CA TRP B 78 -4.43 9.16 -0.26
C TRP B 78 -3.41 8.06 0.03
N GLU B 79 -2.16 8.24 -0.38
CA GLU B 79 -1.13 7.27 -0.03
C GLU B 79 -0.83 7.31 1.46
N ASN B 80 -0.66 8.52 2.02
CA ASN B 80 -0.47 8.64 3.46
C ASN B 80 -1.66 8.09 4.23
N MET B 81 -2.86 8.21 3.67
CA MET B 81 -4.06 7.75 4.37
C MET B 81 -4.04 6.23 4.52
N ILE B 82 -3.79 5.51 3.43
CA ILE B 82 -3.74 4.05 3.49
C ILE B 82 -2.64 3.63 4.46
N ALA B 83 -1.51 4.34 4.43
CA ALA B 83 -0.46 4.07 5.40
C ALA B 83 -0.97 4.22 6.83
N ALA B 84 -1.76 5.27 7.08
CA ALA B 84 -2.32 5.46 8.41
C ALA B 84 -3.24 4.31 8.79
N LEU B 85 -4.04 3.82 7.84
CA LEU B 85 -4.87 2.65 8.10
C LEU B 85 -4.02 1.46 8.53
N PHE B 86 -2.96 1.17 7.78
CA PHE B 86 -2.09 0.05 8.13
C PHE B 86 -1.20 0.35 9.31
N GLN B 87 -0.79 1.62 9.48
CA GLN B 87 -0.03 2.01 10.65
C GLN B 87 -0.81 1.74 11.93
N GLY B 88 -2.14 1.64 11.84
CA GLY B 88 -2.99 1.39 12.99
C GLY B 88 -3.98 2.50 13.30
N HIS B 89 -4.01 3.58 12.53
CA HIS B 89 -4.90 4.69 12.80
C HIS B 89 -6.32 4.36 12.37
N SER B 90 -7.28 5.10 12.94
CA SER B 90 -8.69 4.79 12.80
C SER B 90 -9.45 5.94 12.17
N PRO B 91 -10.46 5.66 11.34
CA PRO B 91 -11.35 6.73 10.88
C PRO B 91 -12.19 7.27 12.03
N VAL B 92 -12.55 8.56 11.93
CA VAL B 92 -13.18 9.24 13.05
C VAL B 92 -14.57 8.65 13.34
N SER B 93 -15.29 8.21 12.32
CA SER B 93 -16.60 7.63 12.54
C SER B 93 -16.52 6.19 13.02
N TRP B 94 -15.41 5.51 12.77
CA TRP B 94 -15.26 4.14 13.24
C TRP B 94 -14.88 4.10 14.71
N LEU B 95 -14.18 5.12 15.19
CA LEU B 95 -13.83 5.21 16.60
C LEU B 95 -15.08 5.49 17.44
N ILE B 96 -15.99 6.33 16.94
CA ILE B 96 -17.24 6.58 17.64
C ILE B 96 -17.99 5.28 17.86
N ARG B 97 -18.08 4.45 16.82
CA ARG B 97 -18.83 3.21 16.93
C ARG B 97 -18.11 2.20 17.80
N THR B 98 -16.78 2.14 17.71
CA THR B 98 -16.02 1.26 18.59
C THR B 98 -16.23 1.66 20.05
N THR B 99 -16.13 2.95 20.33
CA THR B 99 -16.34 3.43 21.70
C THR B 99 -17.72 3.05 22.21
N LEU B 100 -18.75 3.20 21.37
CA LEU B 100 -20.09 2.83 21.79
C LEU B 100 -20.21 1.34 22.04
N SER B 101 -19.39 0.53 21.38
CA SER B 101 -19.45 -0.91 21.50
C SER B 101 -18.63 -1.43 22.68
N GLU B 102 -17.55 -0.74 23.05
CA GLU B 102 -16.60 -1.25 24.03
C GLU B 102 -16.60 -0.49 25.34
N SER B 103 -16.67 0.84 25.31
CA SER B 103 -16.45 1.64 26.49
C SER B 103 -17.50 1.35 27.56
N GLU B 104 -17.05 1.22 28.81
CA GLU B 104 -17.93 0.81 29.90
C GLU B 104 -18.72 1.97 30.49
N ASP B 105 -18.16 3.18 30.50
CA ASP B 105 -18.85 4.31 31.13
C ASP B 105 -18.40 5.59 30.45
N PHE B 106 -18.92 6.72 30.94
CA PHE B 106 -18.68 8.01 30.32
C PHE B 106 -17.20 8.37 30.35
N GLU B 107 -16.59 8.31 31.54
CA GLU B 107 -15.19 8.72 31.66
C GLU B 107 -14.27 7.85 30.81
N ALA B 108 -14.58 6.55 30.73
CA ALA B 108 -13.77 5.66 29.90
C ALA B 108 -13.95 5.94 28.42
N SER B 109 -15.15 6.35 28.00
CA SER B 109 -15.39 6.68 26.60
C SER B 109 -14.67 7.97 26.22
N VAL B 110 -14.63 8.94 27.12
CA VAL B 110 -13.89 10.18 26.86
C VAL B 110 -12.40 9.88 26.69
N TYR B 111 -11.88 8.95 27.50
CA TYR B 111 -10.48 8.58 27.38
C TYR B 111 -10.19 7.96 26.02
N LYS B 112 -11.06 7.04 25.57
CA LYS B 112 -10.84 6.38 24.30
C LYS B 112 -10.92 7.37 23.13
N LEU B 113 -11.93 8.23 23.14
CA LEU B 113 -12.10 9.19 22.06
C LEU B 113 -10.99 10.23 22.01
N ALA B 114 -10.33 10.49 23.14
CA ALA B 114 -9.31 11.52 23.21
C ALA B 114 -7.93 11.01 22.82
N LYS B 115 -7.60 9.76 23.13
CA LYS B 115 -6.24 9.25 22.97
C LYS B 115 -6.01 8.48 21.68
N THR B 116 -7.00 7.72 21.22
CA THR B 116 -6.82 6.88 20.05
C THR B 116 -6.34 7.72 18.86
N PRO B 117 -5.31 7.30 18.12
CA PRO B 117 -4.89 8.06 16.95
C PRO B 117 -5.90 7.98 15.82
N LEU B 118 -6.00 9.07 15.06
CA LEU B 118 -7.00 9.23 14.02
C LEU B 118 -6.34 9.58 12.70
N ILE B 119 -7.09 9.33 11.61
CA ILE B 119 -6.62 9.66 10.27
C ILE B 119 -6.81 11.13 9.97
N ALA B 120 -7.84 11.76 10.54
CA ALA B 120 -8.14 13.16 10.30
C ALA B 120 -8.59 13.80 11.60
N ASP B 121 -8.65 15.13 11.58
CA ASP B 121 -9.12 15.88 12.74
C ASP B 121 -10.64 15.77 12.86
N VAL B 122 -11.13 16.07 14.06
CA VAL B 122 -12.56 15.95 14.35
C VAL B 122 -12.82 16.59 15.70
N TYR B 123 -14.09 16.90 15.97
CA TYR B 123 -14.55 17.26 17.30
C TYR B 123 -15.44 16.15 17.83
N TYR B 124 -15.14 15.67 19.02
CA TYR B 124 -15.97 14.69 19.70
C TYR B 124 -16.71 15.36 20.84
N ILE B 125 -18.03 15.39 20.76
CA ILE B 125 -18.89 15.88 21.82
C ILE B 125 -19.49 14.67 22.52
N VAL B 126 -19.29 14.58 23.83
CA VAL B 126 -19.73 13.42 24.62
C VAL B 126 -20.57 13.91 25.78
N GLY B 127 -21.67 13.21 26.04
CA GLY B 127 -22.50 13.50 27.18
C GLY B 127 -22.73 12.24 28.00
N GLY B 128 -22.89 12.45 29.31
CA GLY B 128 -22.99 11.34 30.23
C GLY B 128 -24.34 11.19 30.88
N THR B 129 -24.34 10.63 32.10
CA THR B 129 -25.57 10.38 32.84
C THR B 129 -25.61 11.10 34.18
N ALA B 130 -24.57 11.80 34.57
CA ALA B 130 -24.48 12.47 35.86
C ALA B 130 -24.12 13.93 35.66
N PRO B 131 -24.44 14.80 36.62
CA PRO B 131 -24.17 16.22 36.45
C PRO B 131 -22.71 16.47 36.06
N GLY B 132 -22.52 17.49 35.22
CA GLY B 132 -21.20 17.86 34.77
C GLY B 132 -20.58 16.93 33.76
N GLU B 133 -21.27 15.86 33.36
CA GLU B 133 -20.73 14.91 32.40
C GLU B 133 -21.06 15.40 30.99
N GLY B 134 -20.22 16.30 30.50
CA GLY B 134 -20.31 16.79 29.14
C GLY B 134 -19.00 17.44 28.73
N VAL B 135 -18.49 17.09 27.55
CA VAL B 135 -17.19 17.59 27.11
C VAL B 135 -17.21 17.77 25.61
N VAL B 136 -16.41 18.71 25.13
CA VAL B 136 -16.09 18.86 23.71
C VAL B 136 -14.61 18.55 23.56
N VAL B 137 -14.30 17.44 22.89
CA VAL B 137 -12.93 16.98 22.72
C VAL B 137 -12.46 17.41 21.34
N THR B 138 -11.56 18.39 21.30
CA THR B 138 -10.96 18.83 20.04
C THR B 138 -9.78 17.91 19.71
N ARG B 139 -9.86 17.21 18.59
CA ARG B 139 -8.93 16.15 18.26
C ARG B 139 -8.00 16.55 17.13
N ASN B 140 -6.74 16.15 17.25
CA ASN B 140 -5.80 16.08 16.15
C ASN B 140 -5.68 14.62 15.72
N ARG B 141 -4.85 14.37 14.71
CA ARG B 141 -4.57 12.98 14.35
C ARG B 141 -3.86 12.27 15.49
N GLY B 142 -2.98 12.95 16.20
CA GLY B 142 -2.18 12.35 17.24
C GLY B 142 -2.88 12.16 18.56
N GLY B 143 -3.57 13.21 19.03
CA GLY B 143 -4.21 13.15 20.32
C GLY B 143 -5.08 14.36 20.60
N PRO B 144 -5.40 14.59 21.87
CA PRO B 144 -6.34 15.67 22.23
C PRO B 144 -5.62 17.01 22.30
N ALA B 145 -6.12 17.97 21.54
CA ALA B 145 -5.61 19.35 21.64
C ALA B 145 -6.21 20.08 22.83
N ASP B 146 -7.43 19.73 23.21
CA ASP B 146 -8.12 20.40 24.30
C ASP B 146 -9.29 19.54 24.73
N ILE B 147 -9.76 19.77 25.96
CA ILE B 147 -10.93 19.09 26.48
C ILE B 147 -11.76 20.14 27.22
N TRP B 148 -12.90 20.50 26.63
CA TRP B 148 -13.76 21.58 27.08
C TRP B 148 -14.93 20.98 27.86
N PRO B 149 -14.93 21.00 29.18
CA PRO B 149 -16.01 20.36 29.93
C PRO B 149 -17.13 21.34 30.29
N LEU B 150 -18.28 20.77 30.60
CA LEU B 150 -19.36 21.56 31.17
C LEU B 150 -18.92 22.12 32.52
N ASP B 151 -19.36 23.35 32.81
CA ASP B 151 -19.06 24.00 34.09
C ASP B 151 -20.34 24.68 34.56
N PRO B 152 -21.33 23.88 34.99
CA PRO B 152 -22.63 24.47 35.33
C PRO B 152 -22.60 25.34 36.59
N LEU B 153 -21.83 24.94 37.60
CA LEU B 153 -21.79 25.72 38.84
C LEU B 153 -21.19 27.10 38.63
N ASN B 154 -20.50 27.33 37.51
CA ASN B 154 -19.99 28.65 37.17
C ASN B 154 -20.78 29.30 36.05
N GLY B 155 -21.96 28.78 35.71
CA GLY B 155 -22.81 29.39 34.72
C GLY B 155 -22.68 28.84 33.32
N ALA B 156 -21.79 27.89 33.09
CA ALA B 156 -21.61 27.29 31.76
C ALA B 156 -22.36 25.97 31.75
N TRP B 157 -23.67 26.06 31.53
CA TRP B 157 -24.53 24.88 31.53
C TRP B 157 -24.68 24.27 30.13
N PHE B 158 -24.00 24.82 29.13
CA PHE B 158 -24.02 24.26 27.79
C PHE B 158 -22.69 24.54 27.09
N ARG B 159 -22.30 23.62 26.22
CA ARG B 159 -21.15 23.80 25.35
C ARG B 159 -21.62 23.66 23.90
N VAL B 160 -21.24 24.60 23.05
CA VAL B 160 -21.62 24.60 21.65
C VAL B 160 -20.37 24.36 20.81
N GLU B 161 -20.46 23.43 19.88
CA GLU B 161 -19.38 23.14 18.95
C GLU B 161 -19.92 23.14 17.53
N THR B 162 -19.27 23.88 16.65
CA THR B 162 -19.63 23.90 15.24
C THR B 162 -18.59 23.12 14.44
N ASN B 163 -17.72 23.82 13.71
CA ASN B 163 -16.61 23.17 13.01
C ASN B 163 -15.31 23.95 13.19
N TYR B 164 -15.25 24.85 14.17
CA TYR B 164 -14.09 25.67 14.42
C TYR B 164 -13.73 25.59 15.90
N ASP B 165 -12.47 25.86 16.21
CA ASP B 165 -12.00 25.73 17.58
C ASP B 165 -12.68 26.76 18.47
N HIS B 166 -13.13 26.31 19.64
CA HIS B 166 -14.03 27.12 20.47
C HIS B 166 -13.33 28.33 21.07
N TRP B 167 -12.00 28.34 21.13
CA TRP B 167 -11.26 29.47 21.70
C TRP B 167 -10.86 30.50 20.65
N LYS B 168 -11.25 30.30 19.39
CA LYS B 168 -10.99 31.25 18.32
C LYS B 168 -12.31 31.75 17.73
N PRO B 169 -12.34 32.97 17.22
CA PRO B 169 -13.57 33.46 16.59
C PRO B 169 -13.88 32.68 15.32
N VAL B 170 -15.17 32.55 15.04
CA VAL B 170 -15.62 31.79 13.87
C VAL B 170 -15.59 32.71 12.65
N PRO B 171 -15.54 32.17 11.44
CA PRO B 171 -15.64 33.02 10.25
C PRO B 171 -16.93 33.81 10.23
N LYS B 172 -16.85 35.06 9.78
CA LYS B 172 -18.05 35.88 9.64
C LYS B 172 -18.98 35.30 8.57
N SER B 173 -18.42 34.55 7.62
CA SER B 173 -19.22 33.97 6.55
C SER B 173 -20.02 32.76 7.02
N ASP B 174 -19.52 32.02 8.00
CA ASP B 174 -20.18 30.80 8.50
C ASP B 174 -20.21 30.87 10.03
N ASP B 175 -21.09 31.70 10.58
CA ASP B 175 -21.21 31.90 12.02
C ASP B 175 -22.52 31.28 12.48
N ARG B 176 -22.50 29.98 12.76
CA ARG B 176 -23.64 29.28 13.33
C ARG B 176 -23.48 29.04 14.81
N ARG B 177 -22.40 29.55 15.42
CA ARG B 177 -22.18 29.40 16.85
C ARG B 177 -23.00 30.41 17.66
N THR B 178 -22.84 31.69 17.36
CA THR B 178 -23.55 32.72 18.11
C THR B 178 -25.06 32.58 18.06
N PRO B 179 -25.70 32.24 16.92
CA PRO B 179 -27.14 32.01 16.96
C PRO B 179 -27.52 30.79 17.79
N ALA B 180 -26.67 29.76 17.85
CA ALA B 180 -26.96 28.62 18.72
C ALA B 180 -26.78 28.99 20.19
N ILE B 181 -25.87 29.92 20.49
CA ILE B 181 -25.73 30.39 21.87
C ILE B 181 -26.88 31.31 22.22
N LYS B 182 -27.26 32.21 21.31
CA LYS B 182 -28.40 33.07 21.56
C LYS B 182 -29.65 32.26 21.86
N ALA B 183 -29.89 31.21 21.08
CA ALA B 183 -31.08 30.39 21.29
C ALA B 183 -31.01 29.63 22.61
N LEU B 184 -29.84 29.10 22.95
CA LEU B 184 -29.68 28.44 24.24
C LEU B 184 -29.73 29.45 25.38
N ASN B 185 -29.14 30.62 25.17
CA ASN B 185 -29.25 31.69 26.15
C ASN B 185 -30.70 32.06 26.40
N ALA B 186 -31.49 32.18 25.33
CA ALA B 186 -32.89 32.55 25.46
C ALA B 186 -33.73 31.45 26.07
N THR B 187 -33.39 30.19 25.79
CA THR B 187 -34.17 29.08 26.36
C THR B 187 -34.03 29.04 27.87
N GLY B 188 -32.81 29.16 28.37
CA GLY B 188 -32.56 29.17 29.80
C GLY B 188 -32.31 27.77 30.34
N GLN B 189 -31.49 27.71 31.39
CA GLN B 189 -31.09 26.43 31.95
C GLN B 189 -32.29 25.67 32.52
N ALA B 190 -33.23 26.38 33.14
CA ALA B 190 -34.34 25.71 33.79
C ALA B 190 -35.32 25.13 32.77
N ASN B 191 -35.51 25.81 31.64
CA ASN B 191 -36.43 25.37 30.60
C ASN B 191 -35.82 24.37 29.65
N LEU B 192 -34.59 23.91 29.89
CA LEU B 192 -33.95 23.00 28.96
C LEU B 192 -34.62 21.63 28.97
N SER B 193 -34.75 21.06 27.78
CA SER B 193 -35.30 19.71 27.62
C SER B 193 -34.90 19.25 26.23
N LEU B 194 -35.21 17.98 25.93
CA LEU B 194 -34.93 17.48 24.58
C LEU B 194 -35.69 18.28 23.54
N GLU B 195 -36.96 18.58 23.81
CA GLU B 195 -37.76 19.30 22.82
C GLU B 195 -37.31 20.75 22.71
N ALA B 196 -36.95 21.37 23.83
CA ALA B 196 -36.42 22.73 23.79
C ALA B 196 -35.10 22.79 23.05
N LEU B 197 -34.29 21.72 23.16
CA LEU B 197 -33.04 21.66 22.43
C LEU B 197 -33.27 21.41 20.94
N PHE B 198 -34.30 20.63 20.61
CA PHE B 198 -34.69 20.46 19.22
C PHE B 198 -35.10 21.79 18.60
N GLN B 199 -35.79 22.63 19.38
CA GLN B 199 -36.17 23.96 18.89
C GLN B 199 -34.92 24.81 18.62
N VAL B 200 -33.92 24.73 19.51
CA VAL B 200 -32.67 25.45 19.29
C VAL B 200 -32.02 24.99 17.99
N LEU B 201 -31.98 23.68 17.76
CA LEU B 201 -31.39 23.12 16.56
C LEU B 201 -32.26 23.29 15.33
N SER B 202 -33.45 23.89 15.46
CA SER B 202 -34.28 24.26 14.32
C SER B 202 -34.13 25.74 13.96
N VAL B 203 -33.33 26.49 14.72
CA VAL B 203 -33.12 27.90 14.41
C VAL B 203 -32.25 28.01 13.17
N VAL B 204 -32.48 29.07 12.39
CA VAL B 204 -31.66 29.36 11.23
C VAL B 204 -30.58 30.35 11.67
N PRO B 205 -29.32 30.15 11.23
CA PRO B 205 -28.80 29.13 10.31
C PRO B 205 -28.26 27.87 10.96
N VAL B 206 -28.55 27.62 12.24
CA VAL B 206 -28.12 26.37 12.86
C VAL B 206 -28.71 25.21 12.07
N CYS B 207 -29.93 25.37 11.57
CA CYS B 207 -30.53 24.47 10.60
C CYS B 207 -30.66 25.24 9.29
N ASN B 208 -30.04 24.72 8.24
CA ASN B 208 -29.91 25.47 6.98
C ASN B 208 -30.22 24.52 5.83
N LYS B 209 -29.88 24.98 4.62
CA LYS B 209 -30.24 24.24 3.41
C LYS B 209 -29.57 22.87 3.36
N ILE B 210 -28.34 22.77 3.87
CA ILE B 210 -27.58 21.53 3.77
C ILE B 210 -27.76 20.62 4.99
N THR B 211 -28.56 21.02 5.97
CA THR B 211 -28.78 20.16 7.13
C THR B 211 -29.54 18.91 6.71
N VAL B 212 -29.03 17.75 7.10
CA VAL B 212 -29.61 16.47 6.72
C VAL B 212 -30.53 15.93 7.80
N TYR B 213 -30.06 15.85 9.05
CA TYR B 213 -30.92 15.37 10.13
C TYR B 213 -30.52 16.04 11.44
N THR B 214 -31.47 16.03 12.38
CA THR B 214 -31.29 16.54 13.73
C THR B 214 -31.53 15.41 14.71
N THR B 215 -30.66 15.31 15.71
CA THR B 215 -30.76 14.28 16.74
C THR B 215 -30.65 14.93 18.11
N VAL B 216 -31.53 14.52 19.01
CA VAL B 216 -31.45 14.88 20.43
C VAL B 216 -31.54 13.60 21.24
N MET B 217 -30.77 13.52 22.32
CA MET B 217 -30.61 12.27 23.03
C MET B 217 -30.10 12.53 24.44
N SER B 218 -30.24 11.51 25.28
CA SER B 218 -29.73 11.56 26.65
C SER B 218 -29.55 10.12 27.10
N ALA B 219 -28.30 9.73 27.38
CA ALA B 219 -28.02 8.34 27.70
C ALA B 219 -28.84 7.84 28.87
N ALA B 220 -29.28 8.74 29.76
CA ALA B 220 -30.05 8.35 30.93
C ALA B 220 -31.48 7.99 30.59
N THR B 221 -32.02 8.55 29.50
CA THR B 221 -33.36 8.24 29.01
C THR B 221 -33.21 7.72 27.58
N PRO B 222 -32.68 6.50 27.41
CA PRO B 222 -32.35 6.03 26.07
C PRO B 222 -33.55 5.83 25.17
N ASP B 223 -34.76 5.73 25.73
CA ASP B 223 -35.94 5.54 24.91
C ASP B 223 -36.35 6.81 24.18
N LYS B 224 -35.89 7.97 24.63
CA LYS B 224 -36.25 9.24 24.01
C LYS B 224 -35.34 9.62 22.86
N TYR B 225 -34.40 8.76 22.48
CA TYR B 225 -33.57 9.01 21.30
C TYR B 225 -34.46 9.24 20.09
N MET B 226 -34.37 10.43 19.49
CA MET B 226 -35.20 10.76 18.35
C MET B 226 -34.39 11.51 17.29
N THR B 227 -34.60 11.14 16.03
CA THR B 227 -33.98 11.79 14.89
C THR B 227 -35.07 12.31 13.96
N ARG B 228 -34.81 13.46 13.33
CA ARG B 228 -35.71 14.09 12.38
C ARG B 228 -34.95 14.45 11.12
N ILE B 229 -35.52 14.11 9.96
CA ILE B 229 -34.95 14.52 8.68
C ILE B 229 -35.41 15.94 8.39
N ARG B 230 -34.47 16.78 7.96
CA ARG B 230 -34.76 18.18 7.71
C ARG B 230 -34.71 18.48 6.21
N ASN B 231 -35.42 19.52 5.81
CA ASN B 231 -35.46 19.96 4.41
C ASN B 231 -35.89 18.84 3.47
N LEU B 232 -36.75 17.95 3.94
CA LEU B 232 -37.21 16.84 3.12
C LEU B 232 -38.49 17.21 2.39
N SER C 10 42.57 -6.81 -14.96
CA SER C 10 41.21 -7.15 -14.61
C SER C 10 41.19 -8.33 -13.63
N PRO C 11 40.93 -8.09 -12.36
CA PRO C 11 40.89 -9.18 -11.39
C PRO C 11 39.54 -9.88 -11.38
N ALA C 12 39.55 -11.08 -10.87
CA ALA C 12 38.32 -11.85 -10.75
C ALA C 12 37.67 -11.58 -9.41
N PRO C 13 36.34 -11.65 -9.32
CA PRO C 13 35.68 -11.43 -8.04
C PRO C 13 35.93 -12.60 -7.10
N PRO C 14 35.70 -12.42 -5.80
CA PRO C 14 35.76 -13.58 -4.91
C PRO C 14 34.74 -14.63 -5.33
N ARG C 15 35.10 -15.90 -5.11
CA ARG C 15 34.21 -17.03 -5.34
C ARG C 15 33.87 -17.62 -3.98
N VAL C 16 32.58 -17.63 -3.65
CA VAL C 16 32.12 -18.04 -2.32
C VAL C 16 30.93 -18.98 -2.47
N ASN C 17 30.81 -19.90 -1.52
CA ASN C 17 29.71 -20.84 -1.48
C ASN C 17 28.53 -20.30 -0.69
N VAL C 18 27.33 -20.60 -1.17
CA VAL C 18 26.09 -20.32 -0.46
C VAL C 18 25.30 -21.62 -0.42
N SER C 19 25.05 -22.11 0.80
CA SER C 19 24.39 -23.40 0.98
C SER C 19 22.88 -23.19 0.98
N LEU C 20 22.20 -23.79 0.00
CA LEU C 20 20.73 -23.79 -0.02
C LEU C 20 20.14 -24.83 0.91
N ASP C 21 20.97 -25.63 1.58
CA ASP C 21 20.48 -26.53 2.62
C ASP C 21 20.39 -25.85 3.98
N ALA C 22 21.01 -24.70 4.15
CA ALA C 22 20.93 -23.94 5.39
C ALA C 22 19.74 -22.98 5.34
N ALA C 23 19.37 -22.48 6.52
CA ALA C 23 18.20 -21.62 6.63
C ALA C 23 18.35 -20.40 5.72
N PRO C 24 17.24 -19.91 5.14
CA PRO C 24 17.35 -18.74 4.25
C PRO C 24 17.95 -17.52 4.93
N ALA C 25 17.56 -17.23 6.17
CA ALA C 25 18.07 -16.05 6.86
C ALA C 25 19.56 -16.15 7.16
N ALA C 26 20.10 -17.37 7.23
CA ALA C 26 21.48 -17.57 7.68
C ALA C 26 22.41 -18.03 6.57
N ARG C 27 21.92 -18.25 5.36
CA ARG C 27 22.77 -18.79 4.30
C ARG C 27 23.65 -17.74 3.64
N TRP C 28 23.32 -16.46 3.80
CA TRP C 28 24.12 -15.39 3.22
C TRP C 28 25.18 -14.84 4.18
N LEU C 29 25.20 -15.30 5.43
CA LEU C 29 26.13 -14.73 6.40
C LEU C 29 27.58 -14.94 6.00
N PRO C 30 28.01 -16.14 5.57
CA PRO C 30 29.40 -16.28 5.13
C PRO C 30 29.82 -15.28 4.07
N VAL C 31 28.88 -14.83 3.23
CA VAL C 31 29.21 -13.85 2.20
C VAL C 31 29.24 -12.44 2.78
N LEU C 32 28.34 -12.13 3.71
CA LEU C 32 28.28 -10.79 4.28
C LEU C 32 29.53 -10.45 5.06
N ARG C 33 30.17 -11.46 5.67
CA ARG C 33 31.35 -11.22 6.49
C ARG C 33 32.58 -10.88 5.65
N LEU C 34 32.54 -11.14 4.34
CA LEU C 34 33.68 -10.82 3.49
C LEU C 34 33.86 -9.30 3.41
N PHE C 35 32.89 -8.61 2.83
CA PHE C 35 32.94 -7.16 2.78
C PHE C 35 32.74 -6.59 4.19
N ASP C 36 33.07 -5.32 4.35
CA ASP C 36 32.94 -4.66 5.65
C ASP C 36 31.48 -4.46 6.01
N PRO C 37 30.91 -5.24 6.93
CA PRO C 37 29.47 -5.06 7.22
C PRO C 37 29.14 -3.68 7.74
N GLY C 38 29.98 -3.12 8.61
CA GLY C 38 29.72 -1.79 9.13
C GLY C 38 29.66 -0.74 8.03
N LEU C 39 30.57 -0.82 7.06
CA LEU C 39 30.52 0.10 5.94
C LEU C 39 29.29 -0.14 5.08
N LEU C 40 28.84 -1.39 4.98
CA LEU C 40 27.67 -1.70 4.19
C LEU C 40 26.41 -1.16 4.86
N ARG C 41 26.32 -1.27 6.18
CA ARG C 41 25.19 -0.70 6.91
C ARG C 41 25.09 0.80 6.66
N ALA C 42 26.22 1.51 6.73
CA ALA C 42 26.21 2.95 6.52
C ALA C 42 25.90 3.29 5.07
N ALA C 43 26.44 2.51 4.12
CA ALA C 43 26.19 2.78 2.72
C ALA C 43 24.73 2.56 2.35
N VAL C 44 24.12 1.50 2.90
CA VAL C 44 22.71 1.23 2.61
C VAL C 44 21.83 2.26 3.31
N ALA C 45 22.09 2.52 4.60
CA ALA C 45 21.25 3.43 5.35
C ALA C 45 21.32 4.85 4.81
N ARG C 46 22.42 5.21 4.15
CA ARG C 46 22.58 6.58 3.64
C ARG C 46 21.85 6.75 2.31
N ILE C 47 21.90 5.76 1.44
CA ILE C 47 21.29 5.89 0.12
C ILE C 47 19.79 5.70 0.21
N VAL C 48 19.33 4.80 1.07
CA VAL C 48 17.89 4.61 1.25
C VAL C 48 17.30 5.75 2.08
N GLY C 49 18.04 6.28 3.04
CA GLY C 49 17.50 7.31 3.90
C GLY C 49 17.21 8.62 3.16
N ASP C 50 18.09 9.02 2.26
CA ASP C 50 17.93 10.30 1.58
C ASP C 50 16.91 10.24 0.46
N ARG C 51 16.75 9.09 -0.19
CA ARG C 51 15.87 8.99 -1.36
C ARG C 51 14.46 8.53 -1.02
N VAL C 52 14.26 7.86 0.10
CA VAL C 52 12.94 7.35 0.47
C VAL C 52 12.52 8.04 1.77
N PRO C 53 11.36 8.71 1.82
CA PRO C 53 10.91 9.31 3.08
C PRO C 53 10.65 8.24 4.12
N LYS C 54 10.63 8.67 5.38
CA LYS C 54 10.55 7.72 6.49
C LYS C 54 9.19 7.06 6.58
N TRP C 55 8.11 7.83 6.33
CA TRP C 55 6.77 7.26 6.48
C TRP C 55 6.54 6.13 5.49
N VAL C 56 7.10 6.23 4.28
CA VAL C 56 7.02 5.12 3.34
C VAL C 56 7.81 3.93 3.89
N ARG C 57 9.00 4.19 4.42
CA ARG C 57 9.84 3.12 4.93
C ARG C 57 9.16 2.36 6.07
N ASP C 58 8.47 3.09 6.95
CA ASP C 58 7.79 2.43 8.07
C ASP C 58 6.67 1.52 7.60
N VAL C 59 5.93 1.94 6.57
CA VAL C 59 4.82 1.13 6.08
C VAL C 59 5.35 -0.14 5.41
N ILE C 60 6.33 0.01 4.52
CA ILE C 60 6.90 -1.16 3.85
C ILE C 60 7.37 -2.17 4.89
N GLY C 61 7.99 -1.68 5.96
CA GLY C 61 8.36 -2.57 7.06
C GLY C 61 7.14 -3.20 7.71
N LYS C 62 6.04 -2.45 7.78
CA LYS C 62 4.80 -3.00 8.33
C LYS C 62 4.16 -4.00 7.36
N LEU C 63 4.07 -3.63 6.08
CA LEU C 63 3.47 -4.52 5.09
C LEU C 63 4.29 -5.79 4.92
N VAL C 64 5.60 -5.64 4.72
CA VAL C 64 6.45 -6.81 4.48
C VAL C 64 6.43 -7.74 5.69
N ALA C 65 6.51 -7.18 6.89
CA ALA C 65 6.62 -8.00 8.09
C ALA C 65 5.34 -8.79 8.36
N GLU C 66 4.17 -8.19 8.11
CA GLU C 66 2.92 -8.84 8.48
C GLU C 66 2.63 -10.06 7.59
N MET C 67 2.88 -9.93 6.29
CA MET C 67 2.54 -10.97 5.32
C MET C 67 3.79 -11.66 4.76
N GLU C 68 4.76 -11.96 5.63
CA GLU C 68 5.98 -12.62 5.17
C GLU C 68 5.69 -13.96 4.52
N SER C 69 4.64 -14.66 4.96
CA SER C 69 4.33 -15.97 4.40
C SER C 69 3.93 -15.88 2.94
N PHE C 70 3.13 -14.88 2.59
CA PHE C 70 2.72 -14.72 1.19
C PHE C 70 3.90 -14.39 0.30
N LEU C 71 4.70 -13.40 0.71
CA LEU C 71 5.72 -12.84 -0.17
C LEU C 71 6.64 -13.92 -0.72
N PRO C 72 7.35 -13.65 -1.82
CA PRO C 72 8.16 -14.69 -2.45
C PRO C 72 9.18 -15.28 -1.48
N GLN C 73 9.42 -16.58 -1.63
CA GLN C 73 10.45 -17.26 -0.84
C GLN C 73 11.45 -17.89 -1.80
N PRO C 74 12.70 -18.12 -1.33
CA PRO C 74 13.23 -17.80 -0.01
C PRO C 74 13.77 -16.38 0.09
N TYR C 75 13.49 -15.56 -0.92
CA TYR C 75 14.09 -14.24 -1.02
C TYR C 75 13.73 -13.38 0.20
N THR C 76 12.46 -13.39 0.59
CA THR C 76 12.03 -12.53 1.69
C THR C 76 12.71 -12.93 2.99
N GLU C 77 12.71 -14.22 3.31
CA GLU C 77 13.39 -14.69 4.51
C GLU C 77 14.89 -14.45 4.44
N GLU C 78 15.45 -14.45 3.22
CA GLU C 78 16.86 -14.15 3.06
C GLU C 78 17.14 -12.67 3.29
N ILE C 79 16.28 -11.80 2.78
CA ILE C 79 16.43 -10.37 3.01
C ILE C 79 16.22 -10.05 4.49
N ARG C 80 15.38 -10.81 5.19
CA ARG C 80 15.23 -10.59 6.62
C ARG C 80 16.49 -10.92 7.38
N GLY C 81 17.26 -11.91 6.90
CA GLY C 81 18.49 -12.26 7.56
C GLY C 81 19.62 -11.29 7.28
N ILE C 82 19.66 -10.71 6.09
CA ILE C 82 20.66 -9.69 5.79
C ILE C 82 20.40 -8.43 6.61
N SER C 83 19.15 -7.98 6.64
CA SER C 83 18.83 -6.75 7.37
C SER C 83 19.04 -6.91 8.86
N ASP C 84 18.77 -8.09 9.41
CA ASP C 84 18.99 -8.32 10.83
C ASP C 84 20.48 -8.48 11.14
N PHE C 85 21.22 -9.11 10.24
CA PHE C 85 22.66 -9.27 10.45
C PHE C 85 23.38 -7.94 10.40
N LEU C 86 22.98 -7.05 9.49
CA LEU C 86 23.58 -5.74 9.35
C LEU C 86 22.96 -4.71 10.29
N ASN C 87 21.99 -5.10 11.11
CA ASN C 87 21.26 -4.18 11.97
C ASN C 87 20.59 -3.09 11.12
N LEU C 88 19.93 -3.54 10.05
CA LEU C 88 19.11 -2.71 9.19
C LEU C 88 17.64 -2.97 9.43
N SER C 89 16.82 -1.97 9.08
CA SER C 89 15.38 -2.14 9.07
C SER C 89 14.97 -3.04 7.92
N LEU C 90 14.03 -3.94 8.17
CA LEU C 90 13.56 -4.84 7.12
C LEU C 90 13.13 -4.08 5.87
N ALA C 91 12.68 -2.84 6.04
CA ALA C 91 12.35 -2.02 4.88
C ALA C 91 13.60 -1.62 4.10
N ASP C 92 14.69 -1.31 4.81
CA ASP C 92 15.93 -0.95 4.13
C ASP C 92 16.42 -2.08 3.24
N GLY C 93 16.48 -3.30 3.77
CA GLY C 93 16.96 -4.42 2.99
C GLY C 93 16.07 -4.77 1.82
N PHE C 94 14.77 -4.53 1.94
CA PHE C 94 13.84 -4.87 0.87
C PHE C 94 13.89 -3.86 -0.27
N ILE C 95 14.13 -2.59 0.04
CA ILE C 95 14.13 -1.55 -0.99
C ILE C 95 15.37 -1.65 -1.87
N VAL C 96 16.53 -1.93 -1.27
CA VAL C 96 17.75 -2.05 -2.05
C VAL C 96 17.69 -3.26 -2.98
N ASN C 97 17.11 -4.36 -2.50
CA ASN C 97 16.93 -5.53 -3.36
C ASN C 97 15.94 -5.29 -4.48
N LEU C 98 15.16 -4.22 -4.41
CA LEU C 98 14.23 -3.83 -5.46
C LEU C 98 14.64 -2.53 -6.12
N ALA C 99 15.95 -2.29 -6.21
CA ALA C 99 16.44 -1.04 -6.77
C ALA C 99 16.15 -0.93 -8.27
N TYR C 100 16.15 -2.05 -8.99
CA TYR C 100 15.85 -1.99 -10.41
C TYR C 100 14.38 -1.67 -10.64
N GLU C 101 13.50 -2.38 -9.95
CA GLU C 101 12.06 -2.16 -10.11
C GLU C 101 11.67 -0.78 -9.61
N ALA C 102 12.30 -0.31 -8.53
CA ALA C 102 11.97 1.01 -7.99
C ALA C 102 12.27 2.12 -8.99
N SER C 103 13.26 1.92 -9.86
CA SER C 103 13.60 2.91 -10.87
C SER C 103 12.42 3.16 -11.82
N CYS D 1 24.05 -2.12 -20.57
CA CYS D 1 24.42 -3.54 -20.56
C CYS D 1 24.56 -4.05 -21.98
N THR D 2 25.38 -5.07 -22.13
CA THR D 2 25.54 -5.73 -23.41
C THR D 2 25.57 -7.23 -23.15
N SER D 3 24.65 -7.97 -23.78
CA SER D 3 24.61 -9.41 -23.69
C SER D 3 24.78 -9.99 -25.09
N VAL D 4 25.48 -11.12 -25.17
CA VAL D 4 25.74 -11.78 -26.43
C VAL D 4 25.58 -13.28 -26.23
N VAL D 5 24.77 -13.90 -27.08
CA VAL D 5 24.68 -15.35 -27.17
C VAL D 5 25.05 -15.72 -28.60
N ALA D 6 25.97 -16.68 -28.75
CA ALA D 6 26.53 -16.95 -30.07
C ALA D 6 26.82 -18.43 -30.20
N GLN D 7 27.04 -18.85 -31.44
CA GLN D 7 27.28 -20.24 -31.79
C GLN D 7 28.47 -20.33 -32.72
N ASP D 8 29.40 -21.23 -32.42
CA ASP D 8 30.56 -21.44 -33.25
C ASP D 8 30.22 -22.42 -34.38
N SER D 9 31.21 -22.70 -35.24
CA SER D 9 30.96 -23.58 -36.37
C SER D 9 30.72 -25.02 -35.93
N ARG D 10 31.17 -25.40 -34.73
CA ARG D 10 31.02 -26.76 -34.24
C ARG D 10 29.74 -26.99 -33.45
N GLY D 11 28.94 -25.95 -33.22
CA GLY D 11 27.67 -26.10 -32.56
C GLY D 11 27.67 -25.83 -31.07
N HIS D 12 28.72 -25.22 -30.53
CA HIS D 12 28.78 -24.88 -29.12
C HIS D 12 28.16 -23.51 -28.89
N ILE D 13 27.47 -23.36 -27.76
CA ILE D 13 26.81 -22.11 -27.40
C ILE D 13 27.71 -21.35 -26.44
N TYR D 14 27.89 -20.05 -26.69
CA TYR D 14 28.64 -19.17 -25.82
C TYR D 14 27.76 -18.02 -25.38
N HIS D 15 27.94 -17.57 -24.15
CA HIS D 15 27.13 -16.51 -23.58
C HIS D 15 28.03 -15.56 -22.81
N GLY D 16 27.88 -14.26 -23.08
CA GLY D 16 28.65 -13.25 -22.37
C GLY D 16 27.81 -12.02 -22.12
N ARG D 17 28.25 -11.22 -21.15
CA ARG D 17 27.51 -10.02 -20.80
C ARG D 17 28.41 -9.02 -20.09
N ASN D 18 28.12 -7.74 -20.29
CA ASN D 18 28.70 -6.66 -19.51
C ASN D 18 27.63 -6.06 -18.62
N LEU D 19 27.99 -5.78 -17.37
CA LEU D 19 27.11 -5.11 -16.42
C LEU D 19 27.62 -3.69 -16.24
N ASP D 20 26.89 -2.73 -16.79
CA ASP D 20 27.21 -1.31 -16.63
C ASP D 20 26.22 -0.69 -15.65
N TYR D 21 26.74 0.06 -14.69
CA TYR D 21 25.87 0.71 -13.73
C TYR D 21 26.60 1.94 -13.20
N PRO D 22 25.93 3.09 -13.12
CA PRO D 22 26.57 4.26 -12.52
C PRO D 22 26.83 4.05 -11.03
N PHE D 23 27.73 4.87 -10.50
CA PHE D 23 28.11 4.78 -9.09
C PHE D 23 28.51 3.35 -8.74
N GLY D 24 29.29 2.74 -9.64
CA GLY D 24 29.76 1.37 -9.50
C GLY D 24 30.98 1.20 -8.62
N ASP D 25 31.66 2.30 -8.29
CA ASP D 25 32.86 2.21 -7.47
C ASP D 25 32.64 1.36 -6.23
N LEU D 26 31.46 1.45 -5.61
CA LEU D 26 31.17 0.59 -4.46
C LEU D 26 30.67 -0.78 -4.89
N LEU D 27 30.12 -0.91 -6.10
CA LEU D 27 29.70 -2.23 -6.59
C LEU D 27 30.90 -3.10 -6.93
N ARG D 28 31.92 -2.51 -7.55
CA ARG D 28 33.10 -3.29 -7.95
C ARG D 28 33.71 -4.00 -6.75
N LYS D 29 33.73 -3.36 -5.59
CA LYS D 29 34.22 -4.00 -4.39
C LYS D 29 33.25 -5.06 -3.87
N MET D 30 32.00 -5.01 -4.30
CA MET D 30 30.95 -5.90 -3.81
C MET D 30 30.59 -7.00 -4.80
N THR D 31 31.21 -7.04 -5.97
CA THR D 31 30.90 -8.08 -6.94
C THR D 31 31.48 -9.41 -6.48
N VAL D 32 30.63 -10.43 -6.45
CA VAL D 32 31.04 -11.77 -6.03
C VAL D 32 30.45 -12.79 -6.99
N ASP D 33 31.17 -13.89 -7.18
CA ASP D 33 30.67 -15.05 -7.90
C ASP D 33 30.17 -16.06 -6.87
N VAL D 34 28.85 -16.27 -6.86
CA VAL D 34 28.21 -17.09 -5.84
C VAL D 34 27.94 -18.46 -6.42
N GLN D 35 28.37 -19.50 -5.70
CA GLN D 35 28.03 -20.88 -6.04
C GLN D 35 26.98 -21.37 -5.04
N PHE D 36 25.77 -21.58 -5.53
CA PHE D 36 24.67 -22.03 -4.69
C PHE D 36 24.70 -23.55 -4.59
N LEU D 37 24.86 -24.06 -3.37
CA LEU D 37 25.03 -25.49 -3.14
C LEU D 37 23.71 -26.13 -2.73
N LYS D 38 23.51 -27.36 -3.19
CA LYS D 38 22.31 -28.12 -2.88
C LYS D 38 22.73 -29.59 -2.84
N ASN D 39 22.51 -30.24 -1.71
CA ASN D 39 22.88 -31.65 -1.54
C ASN D 39 24.36 -31.86 -1.83
N GLY D 40 25.19 -30.89 -1.43
CA GLY D 40 26.61 -31.00 -1.65
C GLY D 40 27.03 -30.87 -3.10
N GLN D 41 26.18 -30.32 -3.96
CA GLN D 41 26.51 -30.09 -5.36
C GLN D 41 26.20 -28.64 -5.72
N ILE D 42 26.90 -28.16 -6.75
CA ILE D 42 26.64 -26.82 -7.27
C ILE D 42 25.33 -26.85 -8.04
N ALA D 43 24.27 -26.31 -7.44
CA ALA D 43 22.98 -26.25 -8.12
C ALA D 43 23.03 -25.29 -9.30
N PHE D 44 23.63 -24.13 -9.10
CA PHE D 44 23.79 -23.14 -10.16
C PHE D 44 24.78 -22.09 -9.66
N THR D 45 25.26 -21.28 -10.60
CA THR D 45 26.24 -20.24 -10.31
C THR D 45 25.69 -18.89 -10.79
N GLY D 46 26.01 -17.85 -10.03
CA GLY D 46 25.53 -16.52 -10.37
C GLY D 46 26.53 -15.46 -9.95
N THR D 47 26.43 -14.29 -10.58
CA THR D 47 27.24 -13.14 -10.26
C THR D 47 26.33 -12.04 -9.74
N THR D 48 26.57 -11.62 -8.49
CA THR D 48 25.70 -10.66 -7.85
C THR D 48 26.54 -9.76 -6.96
N PHE D 49 25.86 -8.95 -6.15
CA PHE D 49 26.50 -8.03 -5.23
C PHE D 49 26.13 -8.41 -3.80
N ILE D 50 27.04 -8.12 -2.87
CA ILE D 50 26.81 -8.49 -1.48
C ILE D 50 25.60 -7.75 -0.94
N GLY D 51 24.63 -8.49 -0.42
CA GLY D 51 23.39 -7.93 0.06
C GLY D 51 22.24 -8.04 -0.91
N TYR D 52 22.50 -8.43 -2.15
CA TYR D 52 21.49 -8.55 -3.19
C TYR D 52 21.24 -10.04 -3.43
N VAL D 53 19.97 -10.45 -3.31
CA VAL D 53 19.64 -11.86 -3.37
C VAL D 53 19.30 -12.34 -4.78
N GLY D 54 18.91 -11.44 -5.68
CA GLY D 54 18.63 -11.81 -7.05
C GLY D 54 19.88 -11.98 -7.88
N LEU D 55 19.69 -12.48 -9.09
CA LEU D 55 20.78 -12.72 -10.04
C LEU D 55 20.46 -12.08 -11.38
N TRP D 56 21.38 -11.27 -11.88
CA TRP D 56 21.32 -10.72 -13.23
C TRP D 56 22.18 -11.48 -14.21
N THR D 57 23.02 -12.39 -13.72
CA THR D 57 23.84 -13.25 -14.57
C THR D 57 24.00 -14.57 -13.83
N GLY D 58 23.76 -15.68 -14.52
CA GLY D 58 23.79 -16.97 -13.85
C GLY D 58 23.92 -18.10 -14.83
N GLN D 59 24.20 -19.28 -14.26
CA GLN D 59 24.49 -20.47 -15.04
C GLN D 59 23.89 -21.67 -14.33
N SER D 60 23.15 -22.48 -15.07
CA SER D 60 22.69 -23.77 -14.57
C SER D 60 23.52 -24.85 -15.24
N PRO D 61 24.40 -25.55 -14.51
CA PRO D 61 25.39 -26.39 -15.19
C PRO D 61 24.74 -27.42 -16.10
N TYR D 62 25.26 -27.50 -17.32
CA TYR D 62 24.80 -28.47 -18.32
C TYR D 62 23.33 -28.31 -18.64
N LYS D 63 22.80 -27.08 -18.57
CA LYS D 63 21.41 -26.84 -18.91
C LYS D 63 21.22 -25.55 -19.68
N PHE D 64 21.51 -24.40 -19.06
CA PHE D 64 21.31 -23.13 -19.74
C PHE D 64 22.02 -22.02 -18.99
N THR D 65 22.27 -20.91 -19.69
CA THR D 65 22.81 -19.69 -19.12
C THR D 65 21.84 -18.55 -19.40
N VAL D 66 21.72 -17.62 -18.45
CA VAL D 66 20.77 -16.52 -18.55
C VAL D 66 21.43 -15.23 -18.09
N SER D 67 21.11 -14.12 -18.76
CA SER D 67 21.54 -12.80 -18.36
C SER D 67 20.42 -11.81 -18.62
N GLY D 68 20.33 -10.79 -17.78
CA GLY D 68 19.28 -9.78 -17.89
C GLY D 68 19.80 -8.39 -18.15
N ASP D 69 19.20 -7.70 -19.11
CA ASP D 69 19.53 -6.33 -19.44
C ASP D 69 18.35 -5.42 -19.10
N GLU D 70 18.64 -4.13 -18.96
CA GLU D 70 17.60 -3.17 -18.58
C GLU D 70 16.81 -2.75 -19.81
N ARG D 71 15.50 -2.61 -19.64
CA ARG D 71 14.63 -2.11 -20.67
C ARG D 71 13.82 -0.96 -20.11
N ALA D 72 13.62 0.06 -20.93
CA ALA D 72 12.92 1.27 -20.49
C ALA D 72 11.45 0.95 -20.24
N ASP D 73 10.90 1.54 -19.19
CA ASP D 73 9.56 1.24 -18.72
C ASP D 73 8.62 2.40 -19.00
N LYS D 74 7.39 2.09 -19.35
CA LYS D 74 6.33 3.09 -19.33
C LYS D 74 6.28 3.73 -17.94
N GLY D 75 5.81 4.97 -17.88
CA GLY D 75 5.74 5.65 -16.60
C GLY D 75 5.01 4.80 -15.58
N TRP D 76 5.69 4.48 -14.48
CA TRP D 76 5.16 3.59 -13.46
C TRP D 76 5.18 4.26 -12.10
N TRP D 77 4.04 4.23 -11.40
CA TRP D 77 3.96 4.72 -10.04
C TRP D 77 4.36 3.63 -9.05
N TRP D 78 4.94 4.05 -7.94
CA TRP D 78 5.33 3.11 -6.89
C TRP D 78 4.13 2.33 -6.37
N GLU D 79 2.96 2.95 -6.35
CA GLU D 79 1.76 2.26 -5.87
C GLU D 79 1.54 0.96 -6.63
N ASN D 80 1.67 1.01 -7.96
CA ASN D 80 1.53 -0.20 -8.77
C ASN D 80 2.55 -1.25 -8.37
N MET D 81 3.74 -0.83 -7.91
CA MET D 81 4.80 -1.78 -7.60
C MET D 81 4.40 -2.71 -6.46
N ILE D 82 3.95 -2.14 -5.34
CA ILE D 82 3.57 -2.96 -4.19
C ILE D 82 2.39 -3.87 -4.55
N ALA D 83 1.39 -3.33 -5.24
CA ALA D 83 0.27 -4.14 -5.69
C ALA D 83 0.75 -5.27 -6.59
N ALA D 84 1.70 -4.98 -7.48
CA ALA D 84 2.22 -6.01 -8.38
C ALA D 84 2.88 -7.14 -7.59
N LEU D 85 3.70 -6.80 -6.61
CA LEU D 85 4.34 -7.83 -5.79
C LEU D 85 3.30 -8.68 -5.08
N PHE D 86 2.18 -8.06 -4.67
CA PHE D 86 1.09 -8.81 -4.06
C PHE D 86 0.13 -9.37 -5.10
N GLN D 87 0.02 -8.71 -6.26
CA GLN D 87 -0.73 -9.26 -7.37
C GLN D 87 -0.19 -10.62 -7.80
N GLY D 88 1.07 -10.91 -7.50
CA GLY D 88 1.72 -12.14 -7.89
C GLY D 88 2.88 -11.95 -8.84
N HIS D 89 3.21 -10.72 -9.23
CA HIS D 89 4.28 -10.48 -10.17
C HIS D 89 5.63 -10.59 -9.47
N SER D 90 6.68 -10.80 -10.28
CA SER D 90 7.99 -11.13 -9.76
C SER D 90 9.02 -10.07 -10.16
N PRO D 91 9.99 -9.77 -9.30
CA PRO D 91 11.11 -8.94 -9.75
C PRO D 91 11.96 -9.65 -10.78
N VAL D 92 12.56 -8.86 -11.68
CA VAL D 92 13.24 -9.44 -12.83
C VAL D 92 14.44 -10.27 -12.41
N SER D 93 15.14 -9.86 -11.35
CA SER D 93 16.30 -10.60 -10.89
C SER D 93 15.92 -11.82 -10.07
N TRP D 94 14.73 -11.84 -9.46
CA TRP D 94 14.31 -12.99 -8.68
C TRP D 94 13.78 -14.11 -9.58
N LEU D 95 13.22 -13.75 -10.74
CA LEU D 95 12.81 -14.78 -11.70
C LEU D 95 14.01 -15.47 -12.31
N ILE D 96 15.07 -14.72 -12.61
CA ILE D 96 16.28 -15.32 -13.15
C ILE D 96 16.82 -16.38 -12.20
N ARG D 97 16.87 -16.07 -10.91
CA ARG D 97 17.42 -17.03 -9.96
C ARG D 97 16.46 -18.19 -9.75
N THR D 98 15.16 -17.93 -9.74
CA THR D 98 14.18 -19.01 -9.64
C THR D 98 14.32 -19.97 -10.82
N THR D 99 14.44 -19.42 -12.02
CA THR D 99 14.63 -20.26 -13.21
C THR D 99 15.89 -21.10 -13.08
N LEU D 100 16.98 -20.52 -12.58
CA LEU D 100 18.22 -21.27 -12.42
C LEU D 100 18.08 -22.39 -11.42
N SER D 101 17.18 -22.25 -10.45
CA SER D 101 16.99 -23.26 -9.42
C SER D 101 16.03 -24.36 -9.84
N GLU D 102 15.04 -24.04 -10.69
CA GLU D 102 13.93 -24.94 -10.97
C GLU D 102 13.93 -25.51 -12.38
N SER D 103 14.21 -24.70 -13.40
CA SER D 103 13.97 -25.15 -14.77
C SER D 103 14.83 -26.37 -15.12
N GLU D 104 14.21 -27.34 -15.79
CA GLU D 104 14.86 -28.61 -16.05
C GLU D 104 15.77 -28.55 -17.27
N ASP D 105 15.44 -27.74 -18.27
CA ASP D 105 16.24 -27.67 -19.48
C ASP D 105 16.08 -26.29 -20.11
N PHE D 106 16.73 -26.10 -21.25
CA PHE D 106 16.77 -24.79 -21.89
C PHE D 106 15.39 -24.31 -22.29
N GLU D 107 14.65 -25.14 -23.05
CA GLU D 107 13.37 -24.69 -23.56
C GLU D 107 12.39 -24.40 -22.44
N ALA D 108 12.46 -25.16 -21.33
CA ALA D 108 11.61 -24.89 -20.19
C ALA D 108 12.00 -23.58 -19.51
N SER D 109 13.28 -23.23 -19.54
CA SER D 109 13.71 -21.97 -18.95
C SER D 109 13.27 -20.78 -19.80
N VAL D 110 13.32 -20.92 -21.13
CA VAL D 110 12.84 -19.85 -21.98
C VAL D 110 11.34 -19.64 -21.80
N TYR D 111 10.61 -20.74 -21.62
CA TYR D 111 9.17 -20.63 -21.39
C TYR D 111 8.89 -19.90 -20.09
N LYS D 112 9.62 -20.24 -19.02
CA LYS D 112 9.39 -19.60 -17.73
C LYS D 112 9.75 -18.12 -17.77
N LEU D 113 10.89 -17.79 -18.38
CA LEU D 113 11.33 -16.40 -18.47
C LEU D 113 10.43 -15.57 -19.37
N ALA D 114 9.73 -16.18 -20.32
CA ALA D 114 8.93 -15.43 -21.27
C ALA D 114 7.53 -15.12 -20.77
N LYS D 115 6.92 -16.03 -19.99
CA LYS D 115 5.52 -15.88 -19.60
C LYS D 115 5.33 -15.28 -18.21
N THR D 116 6.19 -15.60 -17.25
CA THR D 116 5.97 -15.16 -15.88
C THR D 116 5.78 -13.65 -15.86
N PRO D 117 4.75 -13.12 -15.19
CA PRO D 117 4.58 -11.68 -15.11
C PRO D 117 5.67 -11.03 -14.27
N LEU D 118 6.03 -9.81 -14.64
CA LEU D 118 7.14 -9.10 -14.03
C LEU D 118 6.68 -7.74 -13.52
N ILE D 119 7.44 -7.18 -12.58
CA ILE D 119 7.14 -5.85 -12.07
C ILE D 119 7.65 -4.78 -13.02
N ALA D 120 8.72 -5.06 -13.77
CA ALA D 120 9.28 -4.11 -14.71
C ALA D 120 9.70 -4.84 -15.98
N ASP D 121 9.99 -4.07 -17.01
CA ASP D 121 10.46 -4.63 -18.27
C ASP D 121 11.92 -5.07 -18.15
N VAL D 122 12.34 -5.92 -19.09
CA VAL D 122 13.70 -6.46 -19.08
C VAL D 122 13.94 -7.18 -20.39
N TYR D 123 15.21 -7.44 -20.69
CA TYR D 123 15.60 -8.35 -21.77
C TYR D 123 16.25 -9.57 -21.13
N TYR D 124 15.75 -10.75 -21.49
CA TYR D 124 16.34 -12.01 -21.03
C TYR D 124 17.07 -12.65 -22.21
N ILE D 125 18.38 -12.81 -22.07
CA ILE D 125 19.19 -13.53 -23.04
C ILE D 125 19.49 -14.90 -22.44
N VAL D 126 19.14 -15.96 -23.16
CA VAL D 126 19.25 -17.33 -22.66
C VAL D 126 20.08 -18.13 -23.65
N GLY D 127 20.98 -18.95 -23.13
CA GLY D 127 21.76 -19.84 -23.95
C GLY D 127 21.66 -21.27 -23.44
N GLY D 128 21.76 -22.21 -24.37
CA GLY D 128 21.56 -23.60 -24.04
C GLY D 128 22.80 -24.45 -24.18
N THR D 129 22.61 -25.74 -24.43
CA THR D 129 23.70 -26.69 -24.56
C THR D 129 23.76 -27.37 -25.92
N ALA D 130 22.82 -27.07 -26.81
CA ALA D 130 22.73 -27.70 -28.12
C ALA D 130 22.66 -26.63 -29.19
N PRO D 131 23.02 -26.97 -30.43
CA PRO D 131 23.04 -25.96 -31.49
C PRO D 131 21.73 -25.21 -31.59
N GLY D 132 21.83 -23.91 -31.90
CA GLY D 132 20.66 -23.08 -32.06
C GLY D 132 19.93 -22.71 -30.79
N GLU D 133 20.40 -23.17 -29.63
CA GLU D 133 19.72 -22.88 -28.36
C GLU D 133 20.23 -21.54 -27.83
N GLY D 134 19.64 -20.46 -28.35
CA GLY D 134 19.91 -19.12 -27.89
C GLY D 134 18.83 -18.15 -28.32
N VAL D 135 18.35 -17.32 -27.40
CA VAL D 135 17.25 -16.41 -27.68
C VAL D 135 17.43 -15.12 -26.90
N VAL D 136 16.90 -14.03 -27.45
CA VAL D 136 16.77 -12.76 -26.74
C VAL D 136 15.29 -12.52 -26.55
N VAL D 137 14.83 -12.57 -25.31
CA VAL D 137 13.41 -12.44 -24.98
C VAL D 137 13.17 -11.00 -24.53
N THR D 138 12.51 -10.21 -25.38
CA THR D 138 12.13 -8.85 -25.01
C THR D 138 10.85 -8.90 -24.20
N ARG D 139 10.91 -8.46 -22.95
CA ARG D 139 9.83 -8.66 -21.99
C ARG D 139 9.11 -7.36 -21.67
N ASN D 140 7.78 -7.47 -21.56
CA ASN D 140 6.96 -6.47 -20.90
C ASN D 140 6.59 -7.00 -19.51
N ARG D 141 5.84 -6.20 -18.76
CA ARG D 141 5.32 -6.69 -17.48
C ARG D 141 4.38 -7.87 -17.69
N GLY D 142 3.57 -7.81 -18.75
CA GLY D 142 2.56 -8.82 -19.00
C GLY D 142 3.10 -10.09 -19.65
N GLY D 143 3.91 -9.95 -20.69
CA GLY D 143 4.41 -11.09 -21.41
C GLY D 143 5.46 -10.75 -22.45
N PRO D 144 5.70 -11.66 -23.38
CA PRO D 144 6.79 -11.47 -24.35
C PRO D 144 6.37 -10.59 -25.51
N ALA D 145 7.14 -9.52 -25.75
CA ALA D 145 6.92 -8.69 -26.93
C ALA D 145 7.53 -9.31 -28.17
N ASP D 146 8.61 -10.08 -28.00
CA ASP D 146 9.31 -10.67 -29.12
C ASP D 146 10.21 -11.78 -28.60
N ILE D 147 10.57 -12.70 -29.49
CA ILE D 147 11.49 -13.78 -29.17
C ILE D 147 12.45 -13.90 -30.35
N TRP D 148 13.69 -13.47 -30.15
CA TRP D 148 14.70 -13.37 -31.20
C TRP D 148 15.64 -14.56 -31.09
N PRO D 149 15.50 -15.59 -31.92
CA PRO D 149 16.35 -16.77 -31.78
C PRO D 149 17.60 -16.71 -32.64
N LEU D 150 18.58 -17.53 -32.26
CA LEU D 150 19.74 -17.75 -33.11
C LEU D 150 19.31 -18.41 -34.41
N ASP D 151 19.96 -18.02 -35.50
CA ASP D 151 19.69 -18.59 -36.82
C ASP D 151 21.03 -18.83 -37.51
N PRO D 152 21.80 -19.82 -37.03
CA PRO D 152 23.15 -20.00 -37.59
C PRO D 152 23.16 -20.47 -39.03
N LEU D 153 22.23 -21.35 -39.41
CA LEU D 153 22.23 -21.87 -40.77
C LEU D 153 21.95 -20.78 -41.81
N ASN D 154 21.44 -19.63 -41.38
CA ASN D 154 21.24 -18.50 -42.28
C ASN D 154 22.26 -17.39 -42.06
N GLY D 155 23.33 -17.66 -41.33
CA GLY D 155 24.40 -16.70 -41.14
C GLY D 155 24.31 -15.86 -39.90
N ALA D 156 23.26 -16.01 -39.10
CA ALA D 156 23.10 -15.26 -37.86
C ALA D 156 23.53 -16.14 -36.70
N TRP D 157 24.85 -16.21 -36.49
CA TRP D 157 25.43 -17.05 -35.46
C TRP D 157 25.59 -16.32 -34.13
N PHE D 158 25.14 -15.08 -34.02
CA PHE D 158 25.20 -14.35 -32.76
C PHE D 158 24.04 -13.38 -32.68
N ARG D 159 23.58 -13.14 -31.44
CA ARG D 159 22.59 -12.12 -31.15
C ARG D 159 23.16 -11.15 -30.12
N VAL D 160 23.04 -9.86 -30.39
CA VAL D 160 23.52 -8.81 -29.50
C VAL D 160 22.33 -8.05 -28.96
N GLU D 161 22.31 -7.84 -27.64
CA GLU D 161 21.26 -7.08 -26.99
C GLU D 161 21.90 -6.03 -26.10
N THR D 162 21.46 -4.79 -26.22
CA THR D 162 21.94 -3.70 -25.37
C THR D 162 20.86 -3.33 -24.36
N ASN D 163 20.19 -2.19 -24.56
CA ASN D 163 19.07 -1.80 -23.73
C ASN D 163 17.91 -1.27 -24.57
N TYR D 164 17.92 -1.53 -25.87
CA TYR D 164 16.91 -1.03 -26.79
C TYR D 164 16.38 -2.20 -27.62
N ASP D 165 15.17 -2.03 -28.15
CA ASP D 165 14.55 -3.09 -28.94
C ASP D 165 15.35 -3.33 -30.20
N HIS D 166 15.61 -4.60 -30.51
CA HIS D 166 16.58 -4.93 -31.55
C HIS D 166 16.10 -4.59 -32.95
N TRP D 167 14.80 -4.37 -33.14
CA TRP D 167 14.27 -4.05 -34.46
C TRP D 167 14.18 -2.55 -34.70
N LYS D 168 14.62 -1.73 -33.75
CA LYS D 168 14.64 -0.28 -33.90
C LYS D 168 16.07 0.24 -33.80
N PRO D 169 16.38 1.35 -34.46
CA PRO D 169 17.73 1.91 -34.34
C PRO D 169 17.98 2.43 -32.93
N VAL D 170 19.25 2.33 -32.51
CA VAL D 170 19.65 2.74 -31.16
C VAL D 170 19.95 4.23 -31.14
N PRO D 171 19.91 4.88 -29.98
CA PRO D 171 20.32 6.28 -29.92
C PRO D 171 21.76 6.45 -30.35
N LYS D 172 22.03 7.53 -31.09
CA LYS D 172 23.40 7.83 -31.48
C LYS D 172 24.27 8.18 -30.28
N SER D 173 23.66 8.63 -29.18
CA SER D 173 24.44 8.99 -27.99
C SER D 173 24.94 7.76 -27.25
N ASP D 174 24.20 6.64 -27.32
CA ASP D 174 24.55 5.41 -26.62
C ASP D 174 24.42 4.24 -27.59
N ASP D 175 25.38 4.13 -28.50
CA ASP D 175 25.38 3.10 -29.54
C ASP D 175 26.50 2.13 -29.20
N ARG D 176 26.18 1.15 -28.35
CA ARG D 176 27.09 0.07 -28.02
C ARG D 176 26.75 -1.22 -28.76
N ARG D 177 25.75 -1.19 -29.64
CA ARG D 177 25.38 -2.38 -30.40
C ARG D 177 26.29 -2.59 -31.60
N THR D 178 26.42 -1.56 -32.45
CA THR D 178 27.23 -1.71 -33.65
C THR D 178 28.69 -2.06 -33.37
N PRO D 179 29.36 -1.50 -32.35
CA PRO D 179 30.72 -1.97 -32.07
C PRO D 179 30.79 -3.41 -31.60
N ALA D 180 29.77 -3.90 -30.90
CA ALA D 180 29.75 -5.30 -30.52
C ALA D 180 29.50 -6.20 -31.72
N ILE D 181 28.77 -5.70 -32.72
CA ILE D 181 28.57 -6.48 -33.94
C ILE D 181 29.83 -6.47 -34.78
N LYS D 182 30.47 -5.30 -34.91
CA LYS D 182 31.73 -5.23 -35.66
C LYS D 182 32.77 -6.20 -35.10
N ALA D 183 32.91 -6.24 -33.77
CA ALA D 183 33.91 -7.11 -33.16
C ALA D 183 33.56 -8.58 -33.38
N LEU D 184 32.29 -8.94 -33.27
CA LEU D 184 31.88 -10.31 -33.57
C LEU D 184 32.02 -10.60 -35.05
N ASN D 185 31.67 -9.63 -35.90
CA ASN D 185 31.88 -9.79 -37.33
C ASN D 185 33.36 -10.03 -37.63
N ALA D 186 34.24 -9.28 -36.99
CA ALA D 186 35.67 -9.44 -37.23
C ALA D 186 36.21 -10.73 -36.65
N THR D 187 35.67 -11.18 -35.52
CA THR D 187 36.15 -12.41 -34.90
C THR D 187 35.84 -13.61 -35.77
N GLY D 188 34.62 -13.71 -36.27
CA GLY D 188 34.24 -14.82 -37.13
C GLY D 188 33.68 -16.00 -36.34
N GLN D 189 32.77 -16.73 -37.00
CA GLN D 189 32.08 -17.82 -36.33
C GLN D 189 33.04 -18.93 -35.94
N ALA D 190 34.02 -19.23 -36.80
CA ALA D 190 34.92 -20.35 -36.52
C ALA D 190 35.86 -20.04 -35.37
N ASN D 191 36.29 -18.79 -35.25
CA ASN D 191 37.24 -18.38 -34.22
C ASN D 191 36.58 -18.10 -32.88
N LEU D 192 35.27 -18.35 -32.76
CA LEU D 192 34.58 -18.01 -31.52
C LEU D 192 34.98 -18.94 -30.38
N SER D 193 35.12 -18.35 -29.19
CA SER D 193 35.41 -19.09 -27.98
C SER D 193 35.11 -18.15 -26.81
N LEU D 194 35.20 -18.68 -25.60
CA LEU D 194 34.99 -17.84 -24.43
C LEU D 194 35.98 -16.69 -24.39
N GLU D 195 37.24 -16.95 -24.71
CA GLU D 195 38.25 -15.90 -24.68
C GLU D 195 38.03 -14.90 -25.82
N ALA D 196 37.64 -15.38 -26.99
CA ALA D 196 37.35 -14.47 -28.10
C ALA D 196 36.14 -13.59 -27.79
N LEU D 197 35.16 -14.14 -27.07
CA LEU D 197 33.98 -13.36 -26.69
C LEU D 197 34.32 -12.35 -25.60
N PHE D 198 35.22 -12.72 -24.69
CA PHE D 198 35.69 -11.77 -23.68
C PHE D 198 36.40 -10.60 -24.34
N GLN D 199 37.18 -10.84 -25.39
CA GLN D 199 37.82 -9.75 -26.11
C GLN D 199 36.77 -8.85 -26.75
N VAL D 200 35.71 -9.43 -27.31
CA VAL D 200 34.62 -8.63 -27.86
C VAL D 200 34.02 -7.75 -26.78
N LEU D 201 33.78 -8.31 -25.60
CA LEU D 201 33.23 -7.56 -24.48
C LEU D 201 34.25 -6.64 -23.82
N SER D 202 35.50 -6.64 -24.29
CA SER D 202 36.49 -5.67 -23.84
C SER D 202 36.65 -4.51 -24.80
N VAL D 203 35.92 -4.52 -25.92
CA VAL D 203 36.00 -3.43 -26.89
C VAL D 203 35.31 -2.20 -26.31
N VAL D 204 35.84 -1.03 -26.69
CA VAL D 204 35.25 0.24 -26.29
C VAL D 204 34.30 0.70 -27.41
N PRO D 205 33.11 1.23 -27.05
CA PRO D 205 32.55 1.47 -25.71
C PRO D 205 31.70 0.34 -25.15
N VAL D 206 31.78 -0.87 -25.73
CA VAL D 206 31.05 -1.99 -25.14
C VAL D 206 31.48 -2.18 -23.69
N CYS D 207 32.75 -1.94 -23.40
CA CYS D 207 33.26 -1.80 -22.04
C CYS D 207 33.66 -0.34 -21.87
N ASN D 208 33.04 0.34 -20.92
CA ASN D 208 33.19 1.79 -20.79
C ASN D 208 33.32 2.16 -19.31
N LYS D 209 33.18 3.45 -19.02
CA LYS D 209 33.43 3.95 -17.68
C LYS D 209 32.48 3.35 -16.65
N ILE D 210 31.24 3.09 -17.05
CA ILE D 210 30.22 2.59 -16.11
C ILE D 210 30.19 1.07 -16.05
N THR D 211 31.02 0.38 -16.83
CA THR D 211 31.06 -1.08 -16.79
C THR D 211 31.61 -1.57 -15.46
N VAL D 212 30.87 -2.48 -14.83
CA VAL D 212 31.25 -3.03 -13.53
C VAL D 212 31.98 -4.35 -13.67
N TYR D 213 31.41 -5.30 -14.40
CA TYR D 213 32.08 -6.59 -14.60
C TYR D 213 31.67 -7.17 -15.94
N THR D 214 32.51 -8.09 -16.42
CA THR D 214 32.26 -8.85 -17.64
C THR D 214 32.20 -10.33 -17.29
N THR D 215 31.22 -11.04 -17.85
CA THR D 215 31.06 -12.46 -17.61
C THR D 215 30.92 -13.18 -18.93
N VAL D 216 31.62 -14.29 -19.08
CA VAL D 216 31.47 -15.20 -20.21
C VAL D 216 31.25 -16.59 -19.65
N MET D 217 30.40 -17.37 -20.30
CA MET D 217 29.95 -18.63 -19.72
C MET D 217 29.41 -19.52 -20.82
N SER D 218 29.30 -20.81 -20.50
CA SER D 218 28.73 -21.80 -21.42
C SER D 218 28.23 -22.97 -20.59
N ALA D 219 26.92 -23.22 -20.64
CA ALA D 219 26.32 -24.24 -19.78
C ALA D 219 26.95 -25.61 -19.99
N ALA D 220 27.51 -25.86 -21.17
CA ALA D 220 28.09 -27.17 -21.45
C ALA D 220 29.42 -27.37 -20.75
N THR D 221 30.15 -26.28 -20.50
CA THR D 221 31.42 -26.32 -19.76
C THR D 221 31.31 -25.40 -18.56
N PRO D 222 30.54 -25.80 -17.54
CA PRO D 222 30.26 -24.88 -16.42
C PRO D 222 31.49 -24.51 -15.62
N ASP D 223 32.59 -25.24 -15.74
CA ASP D 223 33.79 -24.91 -14.97
C ASP D 223 34.52 -23.70 -15.54
N LYS D 224 34.26 -23.33 -16.79
CA LYS D 224 34.92 -22.20 -17.43
C LYS D 224 34.22 -20.88 -17.15
N TYR D 225 33.19 -20.88 -16.32
CA TYR D 225 32.53 -19.65 -15.89
C TYR D 225 33.55 -18.70 -15.29
N MET D 226 33.71 -17.53 -15.89
CA MET D 226 34.69 -16.56 -15.41
C MET D 226 34.10 -15.16 -15.45
N THR D 227 34.35 -14.41 -14.38
CA THR D 227 33.93 -13.03 -14.25
C THR D 227 35.17 -12.16 -14.06
N ARG D 228 35.14 -10.95 -14.61
CA ARG D 228 36.25 -10.03 -14.50
C ARG D 228 35.72 -8.65 -14.10
N ILE D 229 36.33 -8.04 -13.09
CA ILE D 229 35.97 -6.68 -12.70
C ILE D 229 36.71 -5.69 -13.60
N ARG D 230 35.99 -4.70 -14.09
CA ARG D 230 36.54 -3.72 -15.03
C ARG D 230 36.66 -2.35 -14.37
N ASN D 231 37.55 -1.54 -14.92
CA ASN D 231 37.77 -0.17 -14.43
C ASN D 231 38.12 -0.15 -12.94
N LEU D 232 38.82 -1.17 -12.48
CA LEU D 232 39.18 -1.25 -11.07
C LEU D 232 40.55 -0.64 -10.83
C1 NAG E . -35.90 -4.70 16.97
C2 NAG E . -37.29 -4.99 16.36
C3 NAG E . -38.39 -4.91 17.41
C4 NAG E . -38.04 -5.75 18.63
C5 NAG E . -36.67 -5.33 19.16
C6 NAG E . -36.22 -6.13 20.35
C7 NAG E . -37.24 -4.31 13.99
C8 NAG E . -37.62 -3.25 13.01
N2 NAG E . -37.57 -4.07 15.27
O3 NAG E . -39.62 -5.36 16.85
O4 NAG E . -39.02 -5.57 19.66
O5 NAG E . -35.70 -5.52 18.13
O6 NAG E . -34.81 -6.29 20.35
O7 NAG E . -36.67 -5.34 13.66
H1 NAG E . -35.86 -3.75 17.23
H2 NAG E . -37.28 -5.90 16.00
H3 NAG E . -38.50 -3.97 17.69
H4 NAG E . -38.01 -6.69 18.38
H5 NAG E . -36.70 -4.38 19.40
H61 NAG E . -36.64 -7.01 20.32
H62 NAG E . -36.49 -5.68 21.17
H81 NAG E . -37.17 -2.41 13.25
H82 NAG E . -38.58 -3.12 13.02
H83 NAG E . -37.33 -3.51 12.12
HN2 NAG E . -38.01 -3.29 15.45
HO3 NAG E . -40.04 -5.87 17.44
HO4 NAG E . -39.75 -6.04 19.46
HO6 NAG E . -34.60 -6.99 20.86
C1 NAG F . -26.44 -7.75 -7.83
C2 NAG F . -27.93 -7.49 -8.05
C3 NAG F . -28.74 -8.73 -7.66
C4 NAG F . -28.19 -9.97 -8.36
C5 NAG F . -26.68 -10.08 -8.14
C6 NAG F . -26.06 -11.23 -8.90
C7 NAG F . -28.15 -5.07 -7.66
C8 NAG F . -28.67 -4.01 -6.76
N2 NAG F . -28.38 -6.33 -7.29
O3 NAG F . -30.10 -8.54 -8.01
O4 NAG F . -28.83 -11.14 -7.86
O5 NAG F . -26.04 -8.88 -8.56
O6 NAG F . -24.68 -11.38 -8.55
O7 NAG F . -27.52 -4.81 -8.69
H1 NAG F . -26.28 -7.91 -6.88
H2 NAG F . -28.08 -7.31 -9.00
H3 NAG F . -28.68 -8.86 -6.70
H4 NAG F . -28.37 -9.90 -9.32
H5 NAG F . -26.52 -10.20 -7.18
H61 NAG F . -26.11 -11.04 -9.85
H62 NAG F . -26.53 -12.05 -8.70
H81 NAG F . -28.28 -4.10 -5.88
H82 NAG F . -29.65 -4.08 -6.69
H83 NAG F . -28.45 -3.13 -7.12
HN2 NAG F . -28.85 -6.47 -6.52
HO3 NAG F . -30.61 -8.65 -7.29
HO4 NAG F . -29.10 -11.64 -8.54
HO6 NAG F . -24.51 -10.87 -7.83
CL CL G . -18.05 -8.36 15.77
C1 NAG H . -25.24 34.55 26.77
C2 NAG H . -24.51 35.70 26.05
C3 NAG H . -23.35 36.19 26.90
C4 NAG H . -23.83 36.61 28.28
C5 NAG H . -24.58 35.45 28.94
C6 NAG H . -25.25 35.86 30.23
C7 NAG H . -24.74 35.53 23.61
C8 NAG H . -24.10 35.06 22.33
N2 NAG H . -24.05 35.29 24.73
O3 NAG H . -22.74 37.30 26.25
O4 NAG H . -22.74 36.98 29.09
O5 NAG H . -25.63 34.99 28.08
O6 NAG H . -25.06 34.89 31.25
O7 NAG H . -25.82 36.10 23.61
H1 NAG H . -24.65 33.79 26.84
H2 NAG H . -25.15 36.44 25.94
H3 NAG H . -22.70 35.48 26.99
H4 NAG H . -24.44 37.37 28.19
H5 NAG H . -23.96 34.72 29.11
H61 NAG H . -26.21 35.97 30.08
H62 NAG H . -24.88 36.71 30.53
H81 NAG H . -23.97 34.09 22.37
H82 NAG H . -23.22 35.50 22.23
H83 NAG H . -24.67 35.28 21.58
HN2 NAG H . -23.25 34.86 24.67
HO3 NAG H . -22.10 37.63 26.77
HO4 NAG H . -22.68 37.87 29.12
HO6 NAG H . -25.41 35.19 32.01
P PO4 I . -16.33 29.05 31.84
O1 PO4 I . -14.95 29.55 32.17
O2 PO4 I . -16.53 27.69 32.46
O3 PO4 I . -16.49 28.93 30.34
O4 PO4 I . -17.36 30.01 32.38
CL CL J . -17.53 26.70 16.90
CL CL K . -10.95 28.34 13.58
CL CL L . -2.86 17.54 12.83
CL CL M . -37.17 15.38 28.32
CL CL N . -0.03 8.48 24.17
N01 HJA O . -21.16 20.91 7.08
C02 HJA O . -20.10 19.97 7.42
C03 HJA O . -20.10 19.64 8.91
N04 HJA O . -18.99 18.71 9.11
C05 HJA O . -19.06 17.70 10.18
O06 HJA O . -18.97 18.02 11.31
O07 HJA O . -19.26 16.33 9.84
C08 HJA O . -19.69 16.15 8.50
C09 HJA O . -20.53 14.86 8.50
C18 HJA O . -21.42 19.04 9.33
O20 HJA O . -22.38 19.69 9.09
C10 HJA O . -19.85 13.71 7.74
C11 HJA O . -20.88 13.03 6.79
C12 HJA O . -20.38 11.68 6.28
C13 HJA O . -21.58 10.75 6.19
C14 HJA O . -21.32 9.43 5.47
C15 HJA O . -20.48 9.53 4.20
C16 HJA O . -19.41 10.62 4.17
C17 HJA O . -19.69 11.91 4.94
H012 HJA O . -21.78 20.89 7.71
H1 HJA O . -21.52 20.67 6.30
H021 HJA O . -20.22 19.15 6.91
H022 HJA O . -19.24 20.37 7.17
H031 HJA O . -19.92 20.45 9.42
H041 HJA O . -18.29 18.74 8.60
H082 HJA O . -18.91 16.05 7.92
H081 HJA O . -20.23 16.90 8.21
H092 HJA O . -21.39 15.05 8.08
H091 HJA O . -20.68 14.58 9.42
H101 HJA O . -19.50 13.06 8.36
H102 HJA O . -19.12 14.07 7.19
H112 HJA O . -21.05 13.61 6.04
H111 HJA O . -21.71 12.90 7.29
H121 HJA O . -19.73 11.30 6.91
H132 HJA O . -22.29 11.22 5.73
H131 HJA O . -21.88 10.56 7.10
H141 HJA O . -20.86 8.84 6.09
H142 HJA O . -22.18 9.04 5.24
H152 HJA O . -20.04 8.68 4.07
H151 HJA O . -21.09 9.68 3.46
H161 HJA O . -18.59 10.25 4.50
H162 HJA O . -19.27 10.87 3.23
H172 HJA O . -20.26 12.47 4.40
H171 HJA O . -18.85 12.36 5.10
C1 NAG P . 32.23 -25.05 -2.20
C2 NAG P . 33.74 -25.20 -1.97
C3 NAG P . 34.28 -26.39 -2.76
C4 NAG P . 33.48 -27.65 -2.46
C5 NAG P . 32.00 -27.40 -2.69
C6 NAG P . 31.13 -28.57 -2.27
C7 NAG P . 34.49 -22.89 -1.56
C8 NAG P . 35.26 -21.74 -2.11
N2 NAG P . 34.45 -23.98 -2.34
O3 NAG P . 35.65 -26.59 -2.43
O4 NAG P . 33.91 -28.70 -3.31
O5 NAG P . 31.57 -26.28 -1.89
O6 NAG P . 30.04 -28.74 -3.17
O7 NAG P . 33.93 -22.85 -0.47
H1 NAG P . 32.07 -24.82 -3.13
H2 NAG P . 33.89 -25.37 -1.01
H3 NAG P . 34.22 -26.19 -3.72
H4 NAG P . 33.63 -27.91 -1.53
H5 NAG P . 31.85 -27.20 -3.62
H61 NAG P . 30.79 -28.41 -1.38
H62 NAG P . 31.68 -29.38 -2.27
H81 NAG P . 34.87 -21.44 -2.96
H82 NAG P . 36.19 -22.00 -2.27
H83 NAG P . 35.24 -20.99 -1.47
HN2 NAG P . 34.87 -23.96 -3.14
HO3 NAG P . 35.71 -27.23 -1.82
HO4 NAG P . 34.06 -29.43 -2.84
HO6 NAG P . 29.42 -29.26 -2.79
C1 NAG Q . 24.72 -5.40 15.24
C2 NAG Q . 26.22 -5.45 14.99
C3 NAG Q . 26.84 -6.58 15.80
C4 NAG Q . 26.52 -6.37 17.28
C5 NAG Q . 25.02 -6.23 17.51
C6 NAG Q . 24.68 -5.86 18.93
C7 NAG Q . 26.54 -4.58 12.72
C8 NAG Q . 26.88 -4.92 11.30
N2 NAG Q . 26.52 -5.61 13.57
O3 NAG Q . 28.24 -6.61 15.59
O4 NAG Q . 27.01 -7.47 18.04
O5 NAG Q . 24.47 -5.21 16.66
O6 NAG Q . 24.45 -4.46 19.07
O7 NAG Q . 26.28 -3.43 13.07
H1 NAG Q . 24.32 -6.25 14.96
H2 NAG Q . 26.60 -4.61 15.29
H3 NAG Q . 26.45 -7.42 15.51
H4 NAG Q . 26.97 -5.56 17.59
H5 NAG Q . 24.59 -7.08 17.29
H61 NAG Q . 25.42 -6.12 19.51
H62 NAG Q . 23.87 -6.34 19.20
H81 NAG Q . 26.24 -5.56 10.94
H82 NAG Q . 27.78 -5.31 11.27
H83 NAG Q . 26.87 -4.10 10.76
HN2 NAG Q . 26.72 -6.44 13.27
HO3 NAG Q . 28.55 -7.42 15.79
HO4 NAG Q . 27.53 -7.18 18.69
HO6 NAG Q . 24.77 -4.19 19.85
CL CL R . 15.71 -23.04 -0.30
CL CL S . 7.94 -10.47 13.55
C1 NAG T . 28.39 -7.95 -40.31
C2 NAG T . 28.02 -6.65 -41.01
C3 NAG T . 26.80 -6.84 -41.90
C4 NAG T . 27.02 -7.98 -42.87
C5 NAG T . 27.42 -9.25 -42.11
C6 NAG T . 27.80 -10.39 -43.03
C7 NAG T . 28.76 -4.83 -39.53
C8 NAG T . 28.33 -3.78 -38.55
N2 NAG T . 27.78 -5.59 -40.04
O3 NAG T . 26.53 -5.64 -42.61
O4 NAG T . 25.84 -8.23 -43.63
O5 NAG T . 28.57 -8.99 -41.30
O6 NAG T . 28.47 -9.93 -44.19
O7 NAG T . 29.93 -4.99 -39.84
H1 NAG T . 27.66 -8.21 -39.71
H2 NAG T . 28.76 -6.38 -41.58
H3 NAG T . 26.02 -7.06 -41.33
H4 NAG T . 27.74 -7.74 -43.49
H5 NAG T . 26.68 -9.53 -41.55
H61 NAG T . 26.98 -10.87 -43.31
H62 NAG T . 28.38 -11.01 -42.55
H81 NAG T . 27.89 -4.21 -37.79
H82 NAG T . 27.70 -3.17 -38.98
H83 NAG T . 29.11 -3.29 -38.24
HN2 NAG T . 26.92 -5.44 -39.77
HO3 NAG T . 25.96 -5.80 -43.27
HO4 NAG T . 25.63 -7.51 -44.09
HO6 NAG T . 28.74 -10.63 -44.68
P PO4 U . 18.26 -13.60 -39.58
O1 PO4 U . 19.41 -14.02 -40.47
O2 PO4 U . 18.00 -14.69 -38.57
O3 PO4 U . 18.60 -12.32 -38.87
O4 PO4 U . 17.03 -13.40 -40.44
CL CL V . 20.47 -3.25 -28.78
CL CL W . 22.35 -10.33 -35.79
CL CL X . 37.97 -18.87 -14.40
N01 HJA Y . 22.95 0.83 -19.06
C02 HJA Y . 23.23 0.05 -17.86
C03 HJA Y . 22.68 -1.37 -18.00
N04 HJA Y . 21.61 -1.56 -17.03
C05 HJA Y . 20.93 -2.87 -17.05
O06 HJA Y . 20.68 -3.38 -18.09
O07 HJA Y . 20.58 -3.52 -15.84
C08 HJA Y . 21.28 -3.01 -14.73
C09 HJA Y . 20.88 -3.88 -13.50
C18 HJA Y . 23.74 -2.43 -17.73
O20 HJA Y . 24.86 -2.19 -18.01
C10 HJA Y . 21.12 -3.10 -12.19
C11 HJA Y . 21.65 -4.02 -11.05
C12 HJA Y . 20.82 -3.83 -9.76
C13 HJA Y . 21.27 -4.90 -8.77
C14 HJA Y . 21.32 -4.43 -7.31
C15 HJA Y . 22.07 -3.11 -7.08
C16 HJA Y . 22.25 -2.31 -8.35
C17 HJA Y . 21.00 -2.41 -9.23
H012 HJA Y . 23.66 1.33 -19.25
H1 HJA Y . 22.24 1.34 -18.91
H021 HJA Y . 24.19 0.01 -17.72
H022 HJA Y . 22.82 0.48 -17.10
H031 HJA Y . 22.33 -1.49 -18.89
H041 HJA Y . 21.57 -1.07 -16.33
H082 HJA Y . 21.02 -2.09 -14.56
H081 HJA Y . 22.24 -3.07 -14.88
H092 HJA Y . 21.42 -4.69 -13.51
H091 HJA Y . 19.94 -4.11 -13.57
H101 HJA Y . 20.29 -2.70 -11.91
H102 HJA Y . 21.78 -2.40 -12.35
H112 HJA Y . 22.59 -3.79 -10.87
H111 HJA Y . 21.60 -4.95 -11.34
H121 HJA Y . 19.89 -3.97 -9.97
H132 HJA Y . 22.16 -5.21 -9.03
H131 HJA Y . 20.65 -5.65 -8.83
H141 HJA Y . 20.40 -4.30 -7.01
H142 HJA Y . 21.74 -5.12 -6.78
H152 HJA Y . 21.58 -2.58 -6.43
H151 HJA Y . 22.95 -3.33 -6.72
H161 HJA Y . 22.39 -1.38 -8.13
H162 HJA Y . 23.00 -2.65 -8.85
H172 HJA Y . 21.08 -1.80 -9.97
H171 HJA Y . 20.22 -2.16 -8.70
#